data_6OJQ
#
_entry.id   6OJQ
#
_cell.length_a   1.0
_cell.length_b   1.0
_cell.length_c   1.0
_cell.angle_alpha   90.000
_cell.angle_beta   90.000
_cell.angle_gamma   90.000
#
_symmetry.space_group_name_H-M   'P 1'
#
loop_
_entity.id
_entity.type
_entity.pdbx_description
1 polymer 'Tubulin beta-2B chain'
2 polymer 'Tubulin alpha-1B chain'
3 polymer 'Kinesin-1 heavy chain'
4 non-polymer 'PHOSPHOMETHYLPHOSPHONIC ACID GUANYLATE ESTER'
5 non-polymer 'MAGNESIUM ION'
6 non-polymer "GUANOSINE-5'-TRIPHOSPHATE"
#
loop_
_entity_poly.entity_id
_entity_poly.type
_entity_poly.pdbx_seq_one_letter_code
_entity_poly.pdbx_strand_id
1 'polypeptide(L)'
;MREIVHIQAGQCGNQIGAKFWEVISDEHGIDPTGSYHGDSDLQLERINVYYNEAAGNKYVPRAILVDLEPGTMDSVRSGP
FGQIFRPDNFVFGQSGAGNNWAKGHYTEGAELVDSVLDVVRKESESCDCLQGFQLTHSLGGGTGSGMGTLLISKIREEYP
DRIMNTFSVVPSPKVSDTVVEPYNATLSVHQLVENTDETYCIDNEALYDICFRTLKLTTPTYGDLNHLVSATMSGVTTCL
RFPGQLNADLRKLAVNMVPFPRLHFFMPGFAPLTSRGSQQYRALTVPELTQQMFDAKNMMAACDPRHGRYLTVAAVFRGR
MSMKEVDEQMLNVQNKNSSYFVEWIPNNVKTAVCDIPPRGLKMSATFIGNSTAIQELFKRISEQFTAMFRRKAFLHWYTG
EGMDEMEFTEAESNMNDLVSEYQQYQ
;
B
2 'polypeptide(L)'
;MRECISIHVGQAGVQIGNACWELYCLEHGIQPDGQMPSDKTIGGGDDSFNTFFSETGAGKHVPRAVFVDLEPTVIDEVRT
GTYRQLFHPEQLITGKEDAANNYARGHYTIGKEIIDLVLDRIRKLADQCTGLQGFLVFHSFGGGTGSGFTSLLMERLSVD
YGKKSKLEFSIYPAPQVSTAVVEPYNSILTTHTTLEHSDCAFMVDNEAIYDICRRNLDIERPTYTNLNRLISQIVSSITA
SLRFDGALNVDLTEFQTNLVPYPRIHFPLATYAPVISAEKAYHEQLSVAEITNACFEPANQMVKCDPRHGKYMACCLLYR
GDVVPKDVNAAIATIKTKRSIQFVDWCPTGFKVGINYQPPTVVPGGDLAKVQRAVCMLSNTTAIAEAWARLDHKFDLMYA
KRAFVHWYVGEGMEEGEFSEAREDMAALEKDYEEVGV
;
A
3 'polypeptide(L)'
;NIKVMCRFRPLNESEVNRGDKYIAKFQGEDTVVIASKPYAFDRVFQSSTSQEQVYNDAAKKIVKDVLEGYNGTIFAYGQT
SSGKTHTMEGKLHDPEGMGIIPRIVQDIFNYIYSMDENLEFHIKVSYFEIYLDKIRDLLDVSKTNLSVHEDKNRVPYVKG
ATERFVSSPDEVMDTIDEGKSNRHVAVTNMNEHSSRSHSIFLINVKQENTQTEQKLSGKLYLVDLAGSEKVSKTGAEGAV
LDEAKNINKSLSALGNVISALAEGSTYVPYRDSKMTRILQDSLGGNARTTIVICCSPSSYNESETKSTLLFGQRAKT
;
K
#
# COMPACT_ATOMS: atom_id res chain seq x y z
N MET A 1 -20.20 0.96 7.26
CA MET A 1 -19.01 0.19 6.83
C MET A 1 -17.74 1.00 7.08
N ARG A 2 -16.64 0.30 7.33
CA ARG A 2 -15.34 0.93 7.63
C ARG A 2 -15.47 1.84 8.85
N GLU A 3 -16.20 1.37 9.85
CA GLU A 3 -16.50 2.15 11.04
C GLU A 3 -15.20 2.51 11.78
N ILE A 4 -15.29 3.57 12.58
CA ILE A 4 -14.16 4.06 13.38
C ILE A 4 -14.67 4.34 14.78
N VAL A 5 -13.88 3.94 15.77
CA VAL A 5 -14.11 4.27 17.16
C VAL A 5 -13.03 5.23 17.63
N HIS A 6 -13.45 6.29 18.32
CA HIS A 6 -12.60 7.44 18.63
C HIS A 6 -12.21 7.39 20.09
N ILE A 7 -11.12 6.68 20.39
CA ILE A 7 -10.55 6.73 21.73
C ILE A 7 -10.02 8.14 21.97
N GLN A 8 -10.13 8.60 23.22
CA GLN A 8 -9.97 10.00 23.55
C GLN A 8 -9.59 10.12 25.02
N ALA A 9 -8.33 10.43 25.28
CA ALA A 9 -7.76 10.35 26.62
C ALA A 9 -7.03 11.63 26.98
N GLY A 10 -6.96 11.90 28.28
CA GLY A 10 -6.29 13.09 28.78
C GLY A 10 -7.15 14.32 28.68
N GLN A 11 -6.79 15.38 29.39
CA GLN A 11 -7.56 16.63 29.35
C GLN A 11 -7.51 17.25 27.96
N CYS A 12 -6.30 17.40 27.42
CA CYS A 12 -6.12 17.97 26.09
C CYS A 12 -6.81 17.12 25.04
N GLY A 13 -6.68 15.79 25.15
CA GLY A 13 -7.34 14.92 24.21
C GLY A 13 -8.86 15.03 24.31
N ASN A 14 -9.37 15.15 25.53
CA ASN A 14 -10.81 15.36 25.71
C ASN A 14 -11.27 16.62 25.01
N GLN A 15 -10.56 17.73 25.21
CA GLN A 15 -10.97 18.98 24.59
C GLN A 15 -10.87 18.92 23.08
N ILE A 16 -9.76 18.37 22.56
CA ILE A 16 -9.58 18.26 21.12
C ILE A 16 -10.68 17.41 20.50
N GLY A 17 -10.92 16.22 21.05
CA GLY A 17 -11.93 15.36 20.46
C GLY A 17 -13.33 15.92 20.66
N ALA A 18 -13.55 16.71 21.71
CA ALA A 18 -14.84 17.37 21.85
C ALA A 18 -15.06 18.36 20.71
N LYS A 19 -14.04 19.16 20.41
CA LYS A 19 -14.17 20.08 19.28
C LYS A 19 -14.28 19.30 17.96
N PHE A 20 -13.65 18.13 17.89
CA PHE A 20 -13.79 17.28 16.72
C PHE A 20 -15.22 16.79 16.54
N TRP A 21 -15.84 16.33 17.61
CA TRP A 21 -17.24 15.92 17.52
C TRP A 21 -18.12 17.12 17.21
N GLU A 22 -17.74 18.31 17.68
CA GLU A 22 -18.49 19.51 17.35
C GLU A 22 -18.46 19.78 15.85
N VAL A 23 -17.26 19.79 15.25
CA VAL A 23 -17.16 20.13 13.83
C VAL A 23 -17.76 19.03 12.97
N ILE A 24 -17.60 17.77 13.37
CA ILE A 24 -18.12 16.69 12.56
C ILE A 24 -19.64 16.58 12.68
N SER A 25 -20.21 16.97 13.82
CA SER A 25 -21.65 17.04 13.99
C SER A 25 -22.27 18.21 13.26
N ASP A 26 -21.55 19.34 13.19
CA ASP A 26 -22.04 20.47 12.42
C ASP A 26 -22.16 20.12 10.94
N GLU A 27 -21.29 19.22 10.46
CA GLU A 27 -21.31 18.80 9.07
C GLU A 27 -22.36 17.71 8.80
N HIS A 28 -22.80 16.98 9.83
CA HIS A 28 -23.86 15.99 9.70
C HIS A 28 -25.21 16.51 10.20
N GLY A 29 -25.29 17.76 10.64
CA GLY A 29 -26.56 18.30 11.09
C GLY A 29 -27.11 17.64 12.34
N ILE A 30 -26.24 17.31 13.29
CA ILE A 30 -26.63 16.66 14.53
C ILE A 30 -26.75 17.72 15.61
N ASP A 31 -27.97 17.88 16.13
CA ASP A 31 -28.25 18.87 17.16
C ASP A 31 -27.62 18.44 18.49
N PRO A 32 -27.67 19.29 19.52
CA PRO A 32 -27.18 18.87 20.84
C PRO A 32 -27.89 17.65 21.41
N THR A 33 -29.11 17.37 20.96
CA THR A 33 -29.85 16.21 21.46
C THR A 33 -29.49 14.92 20.72
N GLY A 34 -28.50 14.94 19.84
CA GLY A 34 -28.17 13.77 19.06
C GLY A 34 -29.12 13.47 17.93
N SER A 35 -30.00 14.40 17.58
CA SER A 35 -31.00 14.20 16.55
C SER A 35 -30.58 14.90 15.27
N TYR A 36 -31.00 14.33 14.14
CA TYR A 36 -30.64 14.87 12.83
C TYR A 36 -31.60 15.98 12.42
N HIS A 37 -31.05 17.13 12.03
CA HIS A 37 -31.82 18.20 11.42
C HIS A 37 -31.01 18.83 10.29
N GLY A 38 -30.39 17.99 9.47
CA GLY A 38 -29.63 18.46 8.32
C GLY A 38 -30.50 18.63 7.09
N ASP A 39 -29.83 18.88 5.96
CA ASP A 39 -30.49 19.15 4.69
C ASP A 39 -30.24 18.06 3.66
N SER A 40 -28.98 17.74 3.39
CA SER A 40 -28.63 16.81 2.32
C SER A 40 -28.60 15.38 2.84
N ASP A 41 -29.04 14.44 2.00
CA ASP A 41 -29.00 13.03 2.35
C ASP A 41 -27.58 12.48 2.36
N LEU A 42 -26.64 13.16 1.67
CA LEU A 42 -25.26 12.72 1.67
C LEU A 42 -24.66 12.73 3.07
N GLN A 43 -25.20 13.57 3.95
CA GLN A 43 -24.77 13.57 5.35
C GLN A 43 -25.07 12.22 5.99
N LEU A 44 -26.33 11.80 5.96
CA LEU A 44 -26.73 10.52 6.55
C LEU A 44 -26.31 9.32 5.72
N GLU A 45 -25.74 9.52 4.53
CA GLU A 45 -25.31 8.39 3.71
C GLU A 45 -24.27 7.53 4.44
N ARG A 46 -23.43 8.16 5.25
CA ARG A 46 -22.33 7.49 5.94
C ARG A 46 -22.25 7.92 7.40
N ILE A 47 -23.41 8.10 8.03
CA ILE A 47 -23.45 8.47 9.44
C ILE A 47 -22.93 7.34 10.33
N ASN A 48 -23.05 6.09 9.90
CA ASN A 48 -22.72 4.95 10.74
C ASN A 48 -21.22 4.77 10.96
N VAL A 49 -20.38 5.49 10.22
CA VAL A 49 -18.95 5.27 10.31
C VAL A 49 -18.40 5.74 11.66
N TYR A 50 -18.89 6.88 12.15
CA TYR A 50 -18.58 7.38 13.48
C TYR A 50 -19.72 7.17 14.47
N TYR A 51 -20.93 7.59 14.09
CA TYR A 51 -22.06 7.54 15.00
C TYR A 51 -22.75 6.18 14.92
N ASN A 52 -23.74 6.00 15.80
CA ASN A 52 -24.54 4.79 15.91
C ASN A 52 -25.98 5.17 16.15
N GLU A 53 -26.88 4.42 15.52
CA GLU A 53 -28.31 4.70 15.57
C GLU A 53 -28.91 4.11 16.84
N ALA A 54 -29.76 4.90 17.50
CA ALA A 54 -30.39 4.53 18.75
C ALA A 54 -31.89 4.75 18.65
N ALA A 55 -32.60 4.48 19.74
CA ALA A 55 -34.05 4.57 19.74
C ALA A 55 -34.50 6.00 19.52
N GLY A 56 -35.34 6.21 18.51
CA GLY A 56 -35.85 7.52 18.18
C GLY A 56 -35.04 8.28 17.17
N ASN A 57 -34.29 7.59 16.31
CA ASN A 57 -33.45 8.23 15.30
C ASN A 57 -32.42 9.18 15.93
N LYS A 58 -31.97 8.84 17.13
CA LYS A 58 -30.94 9.59 17.83
C LYS A 58 -29.59 8.95 17.54
N TYR A 59 -28.69 9.71 16.92
CA TYR A 59 -27.35 9.25 16.59
C TYR A 59 -26.40 9.63 17.71
N VAL A 60 -25.68 8.64 18.24
CA VAL A 60 -24.76 8.83 19.35
C VAL A 60 -23.35 8.48 18.92
N PRO A 61 -22.29 9.08 19.48
CA PRO A 61 -20.95 8.78 18.98
C PRO A 61 -20.49 7.38 19.34
N ARG A 62 -19.54 6.91 18.55
CA ARG A 62 -18.73 5.74 18.90
C ARG A 62 -17.40 6.21 19.48
N ALA A 63 -17.48 6.87 20.64
CA ALA A 63 -16.34 7.56 21.24
C ALA A 63 -16.22 7.15 22.70
N ILE A 64 -15.03 6.69 23.08
CA ILE A 64 -14.69 6.38 24.46
C ILE A 64 -13.89 7.54 25.02
N LEU A 65 -14.29 7.99 26.20
CA LEU A 65 -13.61 9.06 26.92
C LEU A 65 -12.89 8.48 28.13
N VAL A 66 -11.67 8.93 28.34
CA VAL A 66 -10.79 8.36 29.36
C VAL A 66 -10.08 9.49 30.08
N ASP A 67 -9.91 9.33 31.39
CA ASP A 67 -9.22 10.29 32.23
C ASP A 67 -9.04 9.65 33.60
N LEU A 68 -8.15 10.23 34.40
CA LEU A 68 -7.99 9.85 35.79
C LEU A 68 -8.44 10.96 36.74
N GLU A 69 -9.26 11.89 36.28
CA GLU A 69 -9.80 12.98 37.09
C GLU A 69 -11.20 13.27 36.58
N PRO A 70 -12.23 13.32 37.44
CA PRO A 70 -13.59 13.54 36.93
C PRO A 70 -13.86 14.98 36.50
N GLY A 71 -12.93 15.90 36.71
CA GLY A 71 -13.17 17.29 36.30
C GLY A 71 -13.37 17.42 34.81
N THR A 72 -12.58 16.69 34.02
CA THR A 72 -12.74 16.72 32.58
C THR A 72 -14.08 16.12 32.16
N MET A 73 -14.54 15.09 32.87
CA MET A 73 -15.85 14.53 32.57
C MET A 73 -16.94 15.55 32.87
N ASP A 74 -16.82 16.26 33.99
CA ASP A 74 -17.76 17.34 34.30
C ASP A 74 -17.76 18.39 33.20
N SER A 75 -16.57 18.75 32.72
CA SER A 75 -16.46 19.75 31.65
C SER A 75 -17.15 19.28 30.39
N VAL A 76 -16.88 18.04 29.97
CA VAL A 76 -17.43 17.54 28.72
C VAL A 76 -18.94 17.36 28.83
N ARG A 77 -19.45 16.95 29.99
CA ARG A 77 -20.89 16.87 30.16
C ARG A 77 -21.54 18.24 30.14
N SER A 78 -20.95 19.21 30.84
CA SER A 78 -21.56 20.53 30.95
C SER A 78 -21.37 21.39 29.71
N GLY A 79 -20.26 21.20 28.99
CA GLY A 79 -20.01 21.96 27.79
C GLY A 79 -20.99 21.60 26.69
N PRO A 80 -20.97 22.36 25.60
CA PRO A 80 -21.89 22.07 24.49
C PRO A 80 -21.56 20.75 23.83
N PHE A 81 -22.60 20.10 23.32
CA PHE A 81 -22.47 18.77 22.72
C PHE A 81 -21.87 17.78 23.70
N GLY A 82 -22.33 17.84 24.95
CA GLY A 82 -21.95 16.89 25.98
C GLY A 82 -22.96 15.78 26.10
N GLN A 83 -24.25 16.12 25.98
CA GLN A 83 -25.31 15.14 26.05
C GLN A 83 -25.32 14.19 24.85
N ILE A 84 -24.66 14.57 23.75
CA ILE A 84 -24.58 13.67 22.59
C ILE A 84 -23.87 12.39 22.97
N PHE A 85 -22.84 12.49 23.80
CA PHE A 85 -22.03 11.33 24.17
C PHE A 85 -22.85 10.34 24.99
N ARG A 86 -22.46 9.07 24.90
CA ARG A 86 -23.11 8.03 25.68
C ARG A 86 -22.55 8.04 27.10
N PRO A 87 -23.38 8.07 28.16
CA PRO A 87 -22.80 8.12 29.50
C PRO A 87 -21.99 6.89 29.88
N ASP A 88 -22.35 5.71 29.36
CA ASP A 88 -21.64 4.50 29.72
C ASP A 88 -20.20 4.52 29.25
N ASN A 89 -19.88 5.27 28.20
CA ASN A 89 -18.51 5.32 27.71
C ASN A 89 -17.63 6.20 28.59
N PHE A 90 -18.21 6.99 29.49
CA PHE A 90 -17.42 7.71 30.48
C PHE A 90 -16.67 6.70 31.36
N VAL A 91 -15.36 6.73 31.29
CA VAL A 91 -14.51 5.87 32.11
C VAL A 91 -13.48 6.77 32.77
N PHE A 92 -13.70 7.08 34.05
CA PHE A 92 -12.86 8.02 34.79
C PHE A 92 -12.49 7.43 36.14
N GLY A 93 -11.25 7.68 36.55
CA GLY A 93 -10.78 7.36 37.88
C GLY A 93 -10.87 8.56 38.81
N GLN A 94 -10.02 8.54 39.84
CA GLN A 94 -9.98 9.63 40.82
C GLN A 94 -8.58 10.07 41.19
N SER A 95 -7.55 9.27 40.93
CA SER A 95 -6.21 9.59 41.40
C SER A 95 -5.65 10.82 40.69
N GLY A 96 -5.50 10.74 39.37
CA GLY A 96 -4.81 11.75 38.60
C GLY A 96 -3.34 11.39 38.46
N ALA A 97 -2.86 11.30 37.21
CA ALA A 97 -1.51 10.82 36.98
C ALA A 97 -0.46 11.79 37.51
N GLY A 98 -0.73 13.09 37.46
CA GLY A 98 0.23 14.07 37.94
C GLY A 98 1.50 14.12 37.11
N ASN A 99 1.37 14.08 35.78
CA ASN A 99 2.51 14.11 34.87
C ASN A 99 3.49 12.98 35.15
N ASN A 100 2.98 11.83 35.59
CA ASN A 100 3.78 10.65 35.90
C ASN A 100 3.34 9.54 34.94
N TRP A 101 4.19 9.23 33.96
CA TRP A 101 3.89 8.14 33.04
C TRP A 101 3.73 6.82 33.76
N ALA A 102 4.52 6.61 34.81
CA ALA A 102 4.46 5.35 35.55
C ALA A 102 3.12 5.16 36.21
N LYS A 103 2.57 6.22 36.82
CA LYS A 103 1.28 6.10 37.48
C LYS A 103 0.18 5.80 36.48
N GLY A 104 0.27 6.39 35.29
CA GLY A 104 -0.73 6.21 34.26
C GLY A 104 -0.43 5.09 33.28
N HIS A 105 0.57 4.25 33.59
CA HIS A 105 0.89 3.10 32.75
C HIS A 105 1.11 1.80 33.53
N TYR A 106 1.32 1.84 34.85
CA TYR A 106 1.52 0.66 35.67
C TYR A 106 0.52 0.51 36.80
N THR A 107 0.22 1.58 37.54
CA THR A 107 -0.54 1.47 38.78
C THR A 107 -2.02 1.80 38.60
N GLU A 108 -2.32 3.02 38.16
CA GLU A 108 -3.70 3.43 37.96
C GLU A 108 -4.21 2.99 36.59
N GLY A 109 -3.39 3.16 35.57
CA GLY A 109 -3.79 2.78 34.23
C GLY A 109 -4.05 1.29 34.10
N ALA A 110 -3.18 0.48 34.69
CA ALA A 110 -3.36 -0.97 34.61
C ALA A 110 -4.63 -1.42 35.32
N GLU A 111 -5.02 -0.71 36.39
CA GLU A 111 -6.23 -1.07 37.11
C GLU A 111 -7.49 -0.56 36.41
N LEU A 112 -7.40 0.55 35.69
CA LEU A 112 -8.56 1.16 35.05
C LEU A 112 -8.78 0.68 33.62
N VAL A 113 -7.75 0.17 32.95
CA VAL A 113 -7.87 -0.11 31.52
C VAL A 113 -8.82 -1.26 31.23
N ASP A 114 -9.17 -2.08 32.22
CA ASP A 114 -10.10 -3.18 31.97
C ASP A 114 -11.47 -2.66 31.55
N SER A 115 -11.95 -1.61 32.21
CA SER A 115 -13.24 -1.03 31.85
C SER A 115 -13.20 -0.48 30.43
N VAL A 116 -12.17 0.29 30.11
CA VAL A 116 -12.04 0.87 28.77
C VAL A 116 -11.93 -0.21 27.73
N LEU A 117 -11.23 -1.31 28.05
CA LEU A 117 -11.04 -2.38 27.09
C LEU A 117 -12.35 -3.10 26.82
N ASP A 118 -13.12 -3.39 27.88
CA ASP A 118 -14.43 -3.99 27.70
C ASP A 118 -15.35 -3.07 26.90
N VAL A 119 -15.25 -1.77 27.13
CA VAL A 119 -16.13 -0.83 26.44
C VAL A 119 -15.78 -0.77 24.96
N VAL A 120 -14.49 -0.78 24.62
CA VAL A 120 -14.14 -0.77 23.20
C VAL A 120 -14.46 -2.11 22.55
N ARG A 121 -14.42 -3.21 23.31
CA ARG A 121 -14.93 -4.47 22.79
C ARG A 121 -16.40 -4.34 22.42
N LYS A 122 -17.20 -3.76 23.33
CA LYS A 122 -18.62 -3.57 23.06
C LYS A 122 -18.84 -2.70 21.83
N GLU A 123 -18.08 -1.60 21.72
CA GLU A 123 -18.26 -0.69 20.60
C GLU A 123 -17.74 -1.28 19.29
N SER A 124 -16.77 -2.19 19.35
CA SER A 124 -16.24 -2.84 18.15
C SER A 124 -17.08 -4.02 17.70
N GLU A 125 -17.85 -4.62 18.61
CA GLU A 125 -18.76 -5.70 18.24
C GLU A 125 -20.12 -5.19 17.75
N SER A 126 -20.50 -3.97 18.11
CA SER A 126 -21.76 -3.41 17.67
C SER A 126 -21.75 -3.01 16.21
N CYS A 127 -20.58 -2.76 15.63
CA CYS A 127 -20.48 -2.32 14.24
C CYS A 127 -20.56 -3.52 13.32
N ASP A 128 -20.33 -3.30 12.02
CA ASP A 128 -20.32 -4.35 11.00
C ASP A 128 -18.91 -4.79 10.67
N CYS A 129 -18.07 -3.85 10.21
CA CYS A 129 -16.67 -4.14 9.90
C CYS A 129 -15.90 -2.83 9.97
N LEU A 130 -15.18 -2.62 11.07
CA LEU A 130 -14.42 -1.40 11.25
C LEU A 130 -13.12 -1.46 10.45
N GLN A 131 -12.53 -0.28 10.25
CA GLN A 131 -11.27 -0.14 9.54
C GLN A 131 -10.12 0.23 10.46
N GLY A 132 -10.28 1.25 11.28
CA GLY A 132 -9.21 1.69 12.16
C GLY A 132 -9.77 2.51 13.30
N PHE A 133 -8.90 2.77 14.27
CA PHE A 133 -9.25 3.50 15.48
C PHE A 133 -8.63 4.89 15.41
N GLN A 134 -8.90 5.68 16.44
CA GLN A 134 -8.30 7.00 16.57
C GLN A 134 -8.04 7.28 18.04
N LEU A 135 -6.77 7.47 18.39
CA LEU A 135 -6.36 7.88 19.72
C LEU A 135 -5.99 9.35 19.69
N THR A 136 -6.53 10.11 20.63
CA THR A 136 -6.30 11.55 20.72
C THR A 136 -5.77 11.82 22.13
N HIS A 137 -4.46 12.07 22.23
CA HIS A 137 -3.78 12.16 23.51
C HIS A 137 -2.70 13.22 23.49
N SER A 138 -1.86 13.26 24.53
CA SER A 138 -0.79 14.23 24.64
C SER A 138 0.42 13.55 25.26
N LEU A 139 1.60 13.88 24.74
CA LEU A 139 2.85 13.28 25.18
C LEU A 139 3.48 14.02 26.36
N GLY A 140 2.86 15.09 26.85
CA GLY A 140 3.44 15.84 27.95
C GLY A 140 3.22 15.20 29.29
N GLY A 141 1.96 14.86 29.58
CA GLY A 141 1.58 14.36 30.88
C GLY A 141 1.66 12.85 30.99
N GLY A 142 1.07 12.34 32.06
CA GLY A 142 1.08 10.92 32.38
C GLY A 142 -0.25 10.27 32.14
N THR A 143 -1.34 11.01 32.34
CA THR A 143 -2.67 10.48 32.07
C THR A 143 -2.81 10.13 30.60
N GLY A 144 -2.76 11.14 29.73
CA GLY A 144 -2.91 10.94 28.31
C GLY A 144 -1.90 9.98 27.72
N SER A 145 -0.62 10.31 27.84
CA SER A 145 0.43 9.49 27.23
C SER A 145 0.41 8.08 27.77
N GLY A 146 0.50 7.92 29.09
CA GLY A 146 0.60 6.59 29.66
C GLY A 146 -0.63 5.75 29.41
N MET A 147 -1.81 6.33 29.66
CA MET A 147 -3.04 5.57 29.50
C MET A 147 -3.26 5.18 28.04
N GLY A 148 -3.10 6.14 27.13
CA GLY A 148 -3.26 5.83 25.72
C GLY A 148 -2.24 4.83 25.23
N THR A 149 -1.03 4.86 25.79
CA THR A 149 0.02 3.93 25.38
C THR A 149 -0.28 2.51 25.84
N LEU A 150 -0.64 2.35 27.12
CA LEU A 150 -1.07 1.04 27.59
C LEU A 150 -2.25 0.54 26.79
N LEU A 151 -3.21 1.43 26.51
CA LEU A 151 -4.42 1.03 25.83
C LEU A 151 -4.14 0.60 24.39
N ILE A 152 -3.42 1.42 23.63
CA ILE A 152 -3.10 1.08 22.25
C ILE A 152 -2.23 -0.17 22.18
N SER A 153 -1.39 -0.42 23.20
CA SER A 153 -0.65 -1.66 23.25
C SER A 153 -1.60 -2.85 23.36
N LYS A 154 -2.55 -2.78 24.30
CA LYS A 154 -3.52 -3.86 24.45
C LYS A 154 -4.35 -4.04 23.18
N ILE A 155 -4.66 -2.94 22.50
CA ILE A 155 -5.45 -3.01 21.27
C ILE A 155 -4.67 -3.76 20.20
N ARG A 156 -3.42 -3.33 19.94
CA ARG A 156 -2.63 -4.00 18.92
C ARG A 156 -2.35 -5.45 19.29
N GLU A 157 -2.38 -5.78 20.57
CA GLU A 157 -2.39 -7.19 20.95
C GLU A 157 -3.68 -7.88 20.54
N GLU A 158 -4.81 -7.18 20.65
CA GLU A 158 -6.09 -7.76 20.27
C GLU A 158 -6.34 -7.68 18.78
N TYR A 159 -6.28 -6.47 18.21
CA TYR A 159 -6.59 -6.22 16.80
C TYR A 159 -5.33 -5.81 16.05
N PRO A 160 -4.43 -6.73 15.70
CA PRO A 160 -3.21 -6.34 15.00
C PRO A 160 -3.39 -6.09 13.51
N ASP A 161 -4.58 -6.33 12.95
CA ASP A 161 -4.81 -6.28 11.52
C ASP A 161 -5.66 -5.08 11.12
N ARG A 162 -5.66 -4.01 11.93
CA ARG A 162 -6.42 -2.81 11.64
C ARG A 162 -5.49 -1.60 11.66
N ILE A 163 -5.74 -0.67 10.73
CA ILE A 163 -4.98 0.58 10.71
C ILE A 163 -5.25 1.34 12.00
N MET A 164 -4.23 2.09 12.43
CA MET A 164 -4.24 2.78 13.72
C MET A 164 -3.77 4.22 13.54
N ASN A 165 -4.40 5.11 14.29
CA ASN A 165 -4.13 6.55 14.22
C ASN A 165 -3.78 7.06 15.59
N THR A 166 -2.94 8.09 15.62
CA THR A 166 -2.59 8.80 16.84
C THR A 166 -2.39 10.27 16.50
N PHE A 167 -3.28 11.12 17.00
CA PHE A 167 -3.26 12.55 16.72
C PHE A 167 -2.62 13.24 17.92
N SER A 168 -1.30 13.14 17.97
CA SER A 168 -0.52 13.54 19.14
C SER A 168 -0.19 15.01 19.09
N VAL A 169 -0.17 15.64 20.27
CA VAL A 169 0.31 17.02 20.44
C VAL A 169 1.63 16.92 21.19
N VAL A 170 2.72 16.97 20.46
CA VAL A 170 4.04 16.84 21.08
C VAL A 170 4.35 18.12 21.83
N PRO A 171 5.07 18.08 22.95
CA PRO A 171 5.39 19.33 23.67
C PRO A 171 6.58 20.02 23.03
N SER A 172 6.41 21.29 22.71
CA SER A 172 7.49 22.09 22.17
C SER A 172 8.41 22.55 23.29
N PRO A 173 9.67 22.87 22.99
CA PRO A 173 10.57 23.30 24.07
C PRO A 173 10.27 24.69 24.58
N LYS A 174 9.87 25.61 23.70
CA LYS A 174 9.67 27.00 24.10
C LYS A 174 8.40 27.16 24.91
N VAL A 175 7.33 26.47 24.53
CA VAL A 175 6.07 26.51 25.28
C VAL A 175 6.17 25.45 26.36
N SER A 176 6.81 25.82 27.47
CA SER A 176 7.04 24.92 28.58
C SER A 176 5.91 25.06 29.59
N ASP A 177 4.99 24.09 29.58
CA ASP A 177 3.88 24.05 30.52
C ASP A 177 4.14 23.15 31.72
N THR A 178 4.96 22.11 31.55
CA THR A 178 5.35 21.22 32.63
C THR A 178 6.85 20.99 32.56
N VAL A 179 7.37 20.28 33.55
CA VAL A 179 8.81 20.12 33.74
C VAL A 179 9.33 18.79 33.23
N VAL A 180 8.49 17.75 33.18
CA VAL A 180 8.93 16.40 32.85
C VAL A 180 8.39 15.99 31.49
N GLU A 181 8.23 16.97 30.59
CA GLU A 181 7.84 16.68 29.21
C GLU A 181 8.77 15.69 28.51
N PRO A 182 10.11 15.81 28.61
CA PRO A 182 10.96 14.85 27.86
C PRO A 182 10.78 13.42 28.32
N TYR A 183 10.70 13.19 29.62
CA TYR A 183 10.51 11.84 30.15
C TYR A 183 9.27 11.18 29.57
N ASN A 184 8.11 11.80 29.79
CA ASN A 184 6.85 11.21 29.36
C ASN A 184 6.81 11.08 27.84
N ALA A 185 7.30 12.09 27.13
CA ALA A 185 7.24 12.08 25.67
C ALA A 185 8.08 10.94 25.10
N THR A 186 9.32 10.79 25.59
CA THR A 186 10.18 9.74 25.07
C THR A 186 9.67 8.36 25.46
N LEU A 187 9.19 8.22 26.70
CA LEU A 187 8.66 6.95 27.14
C LEU A 187 7.42 6.53 26.37
N SER A 188 6.63 7.50 25.89
CA SER A 188 5.51 7.20 25.03
C SER A 188 5.94 6.90 23.60
N VAL A 189 6.90 7.65 23.07
CA VAL A 189 7.39 7.43 21.72
C VAL A 189 8.02 6.04 21.59
N HIS A 190 8.59 5.51 22.68
CA HIS A 190 9.14 4.16 22.61
C HIS A 190 8.06 3.13 22.24
N GLN A 191 6.81 3.41 22.57
CA GLN A 191 5.70 2.51 22.25
C GLN A 191 4.93 2.92 21.00
N LEU A 192 4.80 4.22 20.74
CA LEU A 192 4.12 4.66 19.52
C LEU A 192 4.84 4.24 18.26
N VAL A 193 6.16 4.09 18.31
CA VAL A 193 6.92 3.71 17.12
C VAL A 193 6.56 2.30 16.68
N GLU A 194 6.42 1.37 17.62
CA GLU A 194 6.27 -0.03 17.32
C GLU A 194 4.82 -0.52 17.32
N ASN A 195 3.90 0.23 17.93
CA ASN A 195 2.49 -0.16 17.99
C ASN A 195 1.64 0.55 16.96
N THR A 196 1.80 1.86 16.82
CA THR A 196 0.99 2.63 15.89
C THR A 196 1.27 2.24 14.45
N ASP A 197 0.44 2.76 13.55
CA ASP A 197 0.63 2.64 12.12
C ASP A 197 0.81 3.98 11.42
N GLU A 198 0.27 5.05 11.99
CA GLU A 198 0.51 6.40 11.48
C GLU A 198 0.16 7.40 12.57
N THR A 199 1.06 8.36 12.78
CA THR A 199 0.95 9.36 13.84
C THR A 199 1.09 10.75 13.25
N TYR A 200 0.31 11.68 13.77
CA TYR A 200 0.32 13.07 13.33
C TYR A 200 0.88 13.92 14.46
N CYS A 201 2.09 14.46 14.25
CA CYS A 201 2.79 15.19 15.30
C CYS A 201 2.40 16.66 15.28
N ILE A 202 1.20 16.92 15.81
CA ILE A 202 0.78 18.29 16.09
C ILE A 202 1.68 18.86 17.18
N ASP A 203 1.85 20.18 17.16
CA ASP A 203 2.70 20.86 18.12
C ASP A 203 2.01 22.13 18.58
N ASN A 204 2.22 22.48 19.85
CA ASN A 204 1.52 23.60 20.45
C ASN A 204 2.01 24.93 19.88
N GLU A 205 3.32 25.19 19.95
CA GLU A 205 3.85 26.47 19.48
C GLU A 205 3.52 26.73 18.02
N ALA A 206 3.45 25.66 17.23
CA ALA A 206 3.01 25.79 15.84
C ALA A 206 1.65 26.45 15.76
N LEU A 207 0.65 25.86 16.41
CA LEU A 207 -0.70 26.40 16.33
C LEU A 207 -0.78 27.79 16.97
N TYR A 208 -0.01 28.03 18.04
CA TYR A 208 0.05 29.37 18.60
C TYR A 208 0.48 30.38 17.55
N ASP A 209 1.60 30.13 16.89
CA ASP A 209 2.09 31.07 15.88
C ASP A 209 1.13 31.20 14.71
N ILE A 210 0.47 30.10 14.33
CA ILE A 210 -0.51 30.16 13.25
C ILE A 210 -1.65 31.08 13.63
N CYS A 211 -2.08 31.04 14.89
CA CYS A 211 -3.19 31.89 15.30
C CYS A 211 -2.73 33.32 15.56
N PHE A 212 -1.45 33.52 15.88
CA PHE A 212 -0.94 34.87 16.07
C PHE A 212 -0.80 35.59 14.74
N ARG A 213 -0.25 34.92 13.74
CA ARG A 213 0.19 35.56 12.50
C ARG A 213 -0.69 35.25 11.31
N THR A 214 -0.96 33.98 11.01
CA THR A 214 -1.72 33.65 9.83
C THR A 214 -3.18 34.09 9.95
N LEU A 215 -3.73 34.07 11.16
CA LEU A 215 -5.09 34.54 11.42
C LEU A 215 -5.14 35.94 12.02
N LYS A 216 -4.03 36.42 12.58
CA LYS A 216 -3.96 37.77 13.15
C LYS A 216 -4.97 37.96 14.26
N LEU A 217 -5.12 36.95 15.10
CA LEU A 217 -5.97 37.05 16.28
C LEU A 217 -5.12 37.46 17.48
N THR A 218 -5.73 38.24 18.38
CA THR A 218 -4.98 38.88 19.46
C THR A 218 -4.90 38.02 20.71
N THR A 219 -5.88 37.17 20.97
CA THR A 219 -5.94 36.33 22.17
C THR A 219 -6.24 34.90 21.78
N PRO A 220 -5.21 34.10 21.45
CA PRO A 220 -5.46 32.69 21.11
C PRO A 220 -5.75 31.86 22.34
N THR A 221 -7.02 31.47 22.50
CA THR A 221 -7.42 30.53 23.52
C THR A 221 -7.35 29.11 22.99
N TYR A 222 -7.42 28.14 23.91
CA TYR A 222 -7.35 26.73 23.53
C TYR A 222 -8.50 26.33 22.62
N GLY A 223 -9.61 27.05 22.63
CA GLY A 223 -10.69 26.75 21.71
C GLY A 223 -10.28 26.88 20.26
N ASP A 224 -9.51 27.92 19.94
CA ASP A 224 -9.10 28.14 18.56
C ASP A 224 -8.09 27.08 18.11
N LEU A 225 -7.12 26.77 18.96
CA LEU A 225 -6.17 25.70 18.67
C LEU A 225 -6.90 24.38 18.46
N ASN A 226 -7.84 24.06 19.33
CA ASN A 226 -8.60 22.84 19.18
C ASN A 226 -9.44 22.86 17.92
N HIS A 227 -9.90 24.03 17.49
CA HIS A 227 -10.66 24.13 16.24
C HIS A 227 -9.76 23.84 15.04
N LEU A 228 -8.52 24.35 15.08
CA LEU A 228 -7.56 24.01 14.02
C LEU A 228 -7.33 22.50 13.98
N VAL A 229 -7.10 21.89 15.14
CA VAL A 229 -6.86 20.45 15.17
C VAL A 229 -8.09 19.70 14.69
N SER A 230 -9.27 20.21 15.00
CA SER A 230 -10.50 19.54 14.60
C SER A 230 -10.70 19.60 13.09
N ALA A 231 -10.41 20.76 12.49
CA ALA A 231 -10.47 20.87 11.04
C ALA A 231 -9.49 19.91 10.39
N THR A 232 -8.28 19.82 10.96
CA THR A 232 -7.29 18.87 10.47
C THR A 232 -7.80 17.45 10.54
N MET A 233 -8.38 17.07 11.68
CA MET A 233 -8.86 15.70 11.87
C MET A 233 -9.99 15.36 10.91
N SER A 234 -10.96 16.27 10.77
CA SER A 234 -12.10 15.99 9.91
C SER A 234 -11.69 16.00 8.44
N GLY A 235 -10.71 16.81 8.07
CA GLY A 235 -10.26 16.85 6.69
C GLY A 235 -9.68 15.53 6.22
N VAL A 236 -9.17 14.72 7.14
CA VAL A 236 -8.51 13.47 6.76
C VAL A 236 -9.50 12.39 6.36
N THR A 237 -10.59 12.24 7.11
CA THR A 237 -11.54 11.14 6.91
C THR A 237 -12.79 11.57 6.18
N THR A 238 -12.75 12.68 5.44
CA THR A 238 -13.91 13.10 4.69
C THR A 238 -14.22 12.14 3.55
N CYS A 239 -13.20 11.43 3.06
CA CYS A 239 -13.39 10.49 1.96
C CYS A 239 -14.31 9.34 2.37
N LEU A 240 -14.20 8.90 3.62
CA LEU A 240 -15.09 7.84 4.12
C LEU A 240 -16.52 8.36 4.24
N ARG A 241 -16.68 9.56 4.80
CA ARG A 241 -17.99 10.07 5.14
C ARG A 241 -18.77 10.60 3.96
N PHE A 242 -18.11 10.87 2.84
CA PHE A 242 -18.72 11.52 1.69
C PHE A 242 -18.15 10.96 0.40
N PRO A 243 -18.86 11.10 -0.73
CA PRO A 243 -18.29 10.65 -1.99
C PRO A 243 -17.23 11.59 -2.50
N GLY A 244 -16.72 11.35 -3.70
CA GLY A 244 -15.74 12.22 -4.30
C GLY A 244 -15.32 11.72 -5.65
N GLN A 245 -14.47 12.51 -6.30
CA GLN A 245 -13.91 12.15 -7.60
C GLN A 245 -12.66 11.31 -7.49
N LEU A 246 -12.02 11.30 -6.32
CA LEU A 246 -10.88 10.43 -6.06
C LEU A 246 -10.79 10.24 -4.55
N ASN A 247 -11.27 9.10 -4.07
CA ASN A 247 -11.38 8.86 -2.65
C ASN A 247 -10.08 8.32 -2.08
N ALA A 248 -9.85 8.60 -0.80
CA ALA A 248 -8.66 8.12 -0.10
C ALA A 248 -9.00 7.98 1.38
N ASP A 249 -9.23 6.74 1.80
CA ASP A 249 -9.50 6.44 3.20
C ASP A 249 -8.18 6.37 3.96
N LEU A 250 -8.23 5.94 5.22
CA LEU A 250 -7.05 5.96 6.09
C LEU A 250 -5.97 5.02 5.56
N ARG A 251 -6.35 3.80 5.20
CA ARG A 251 -5.36 2.82 4.78
C ARG A 251 -4.64 3.27 3.51
N LYS A 252 -5.34 3.97 2.62
CA LYS A 252 -4.70 4.45 1.41
C LYS A 252 -3.67 5.52 1.73
N LEU A 253 -4.01 6.47 2.60
CA LEU A 253 -3.04 7.46 3.04
C LEU A 253 -1.84 6.81 3.69
N ALA A 254 -2.06 5.77 4.49
CA ALA A 254 -0.96 5.07 5.15
C ALA A 254 -0.04 4.43 4.11
N VAL A 255 -0.60 3.63 3.23
CA VAL A 255 0.21 2.89 2.26
C VAL A 255 0.74 3.79 1.14
N ASN A 256 0.28 5.04 1.07
CA ASN A 256 0.85 6.03 0.15
C ASN A 256 1.69 7.08 0.85
N MET A 257 1.91 6.96 2.17
CA MET A 257 2.84 7.82 2.88
C MET A 257 3.80 7.10 3.82
N VAL A 258 3.60 5.81 4.06
CA VAL A 258 4.43 5.06 5.01
C VAL A 258 5.34 4.12 4.21
N PRO A 259 6.49 4.57 3.71
CA PRO A 259 7.34 3.67 2.94
C PRO A 259 7.94 2.56 3.79
N PHE A 260 8.26 2.84 5.05
CA PHE A 260 8.78 1.87 5.99
C PHE A 260 7.96 1.93 7.27
N PRO A 261 7.91 0.84 8.06
CA PRO A 261 6.96 0.80 9.18
C PRO A 261 7.18 1.87 10.23
N ARG A 262 8.41 2.37 10.38
CA ARG A 262 8.74 3.32 11.43
C ARG A 262 8.68 4.78 10.97
N LEU A 263 8.76 5.03 9.67
CA LEU A 263 8.73 6.39 9.14
C LEU A 263 7.29 6.86 8.94
N HIS A 264 6.54 6.89 10.05
CA HIS A 264 5.11 7.15 10.05
C HIS A 264 4.75 8.22 11.07
N PHE A 265 5.62 9.22 11.22
CA PHE A 265 5.35 10.39 12.05
C PHE A 265 5.22 11.58 11.11
N PHE A 266 4.01 12.11 11.00
CA PHE A 266 3.65 13.10 10.00
C PHE A 266 3.40 14.44 10.66
N MET A 267 3.77 15.52 9.97
CA MET A 267 3.37 16.86 10.36
C MET A 267 2.13 17.24 9.56
N PRO A 268 0.98 17.55 10.19
CA PRO A 268 -0.19 17.96 9.40
C PRO A 268 -0.25 19.46 9.15
N GLY A 269 -1.30 19.86 8.44
CA GLY A 269 -1.52 21.26 8.13
C GLY A 269 -2.90 21.42 7.53
N PHE A 270 -3.36 22.66 7.52
CA PHE A 270 -4.71 22.96 7.07
C PHE A 270 -4.72 24.26 6.28
N ALA A 271 -5.61 24.33 5.31
CA ALA A 271 -5.79 25.53 4.49
C ALA A 271 -7.19 25.49 3.90
N PRO A 272 -7.78 26.66 3.56
CA PRO A 272 -7.29 28.02 3.70
C PRO A 272 -7.59 28.62 5.07
N LEU A 273 -6.57 29.19 5.70
CA LEU A 273 -6.72 29.94 6.94
C LEU A 273 -6.56 31.43 6.65
N THR A 274 -7.60 32.19 6.96
CA THR A 274 -7.65 33.62 6.68
C THR A 274 -8.12 34.37 7.91
N SER A 275 -7.69 35.61 8.00
CA SER A 275 -8.12 36.50 9.09
C SER A 275 -9.51 37.03 8.79
N ARG A 276 -9.95 38.02 9.56
CA ARG A 276 -11.25 38.63 9.32
C ARG A 276 -11.17 39.66 8.19
N GLY A 277 -10.19 40.55 8.25
CA GLY A 277 -10.06 41.57 7.21
C GLY A 277 -9.64 40.99 5.89
N SER A 278 -8.66 40.08 5.91
CA SER A 278 -8.13 39.49 4.68
C SER A 278 -9.04 38.42 4.09
N GLN A 279 -10.22 38.19 4.66
CA GLN A 279 -11.15 37.22 4.07
C GLN A 279 -11.71 37.72 2.75
N GLN A 280 -11.79 39.03 2.55
CA GLN A 280 -12.26 39.60 1.29
C GLN A 280 -11.15 39.69 0.26
N TYR A 281 -9.94 40.03 0.70
CA TYR A 281 -8.78 40.13 -0.19
C TYR A 281 -8.12 38.77 -0.39
N ARG A 282 -8.92 37.78 -0.82
CA ARG A 282 -8.41 36.42 -0.97
C ARG A 282 -9.36 35.66 -1.89
N ALA A 283 -8.86 35.26 -3.06
CA ALA A 283 -9.65 34.50 -4.03
C ALA A 283 -9.43 33.02 -3.79
N LEU A 284 -10.48 32.33 -3.35
CA LEU A 284 -10.38 30.90 -3.07
C LEU A 284 -10.23 30.13 -4.38
N THR A 285 -9.02 29.66 -4.64
CA THR A 285 -8.72 28.88 -5.83
C THR A 285 -7.60 27.90 -5.51
N VAL A 286 -7.49 26.88 -6.35
CA VAL A 286 -6.57 25.77 -6.06
C VAL A 286 -5.13 26.23 -5.95
N PRO A 287 -4.60 27.09 -6.83
CA PRO A 287 -3.23 27.58 -6.61
C PRO A 287 -3.06 28.31 -5.28
N GLU A 288 -4.07 29.04 -4.84
CA GLU A 288 -3.98 29.78 -3.59
C GLU A 288 -3.83 28.81 -2.41
N LEU A 289 -4.76 27.87 -2.28
CA LEU A 289 -4.68 26.87 -1.22
C LEU A 289 -3.38 26.10 -1.31
N THR A 290 -2.93 25.79 -2.53
CA THR A 290 -1.71 25.02 -2.71
C THR A 290 -0.51 25.78 -2.16
N GLN A 291 -0.26 26.98 -2.65
CA GLN A 291 0.88 27.75 -2.14
C GLN A 291 0.68 28.21 -0.71
N GLN A 292 -0.52 28.09 -0.15
CA GLN A 292 -0.76 28.45 1.24
C GLN A 292 -0.48 27.30 2.20
N MET A 293 -0.68 26.05 1.78
CA MET A 293 -0.43 24.93 2.68
C MET A 293 1.05 24.54 2.70
N PHE A 294 1.71 24.56 1.56
CA PHE A 294 3.14 24.26 1.51
C PHE A 294 4.00 25.33 2.16
N ASP A 295 3.42 26.49 2.50
CA ASP A 295 4.15 27.49 3.26
C ASP A 295 4.56 26.91 4.61
N ALA A 296 5.82 27.13 4.97
CA ALA A 296 6.32 26.66 6.26
C ALA A 296 5.57 27.30 7.42
N LYS A 297 5.06 28.51 7.22
CA LYS A 297 4.34 29.23 8.25
C LYS A 297 2.83 28.94 8.24
N ASN A 298 2.43 27.79 7.69
CA ASN A 298 1.07 27.29 7.79
C ASN A 298 1.05 25.86 8.34
N MET A 299 2.10 25.47 9.06
CA MET A 299 2.25 24.09 9.53
C MET A 299 1.85 23.99 10.99
N MET A 300 1.34 22.82 11.37
CA MET A 300 0.94 22.53 12.74
C MET A 300 2.01 21.75 13.50
N ALA A 301 3.26 21.78 13.03
CA ALA A 301 4.38 21.15 13.72
C ALA A 301 5.55 22.11 13.72
N ALA A 302 6.15 22.31 14.89
CA ALA A 302 7.26 23.26 15.02
C ALA A 302 8.54 22.69 14.46
N CYS A 303 8.58 22.48 13.15
CA CYS A 303 9.76 21.98 12.47
C CYS A 303 9.78 22.56 11.07
N ASP A 304 10.77 23.40 10.79
CA ASP A 304 10.87 24.08 9.50
C ASP A 304 11.04 23.05 8.40
N PRO A 305 10.08 22.90 7.46
CA PRO A 305 10.30 21.94 6.37
C PRO A 305 11.47 22.29 5.48
N ARG A 306 11.83 23.58 5.40
CA ARG A 306 12.96 23.98 4.57
C ARG A 306 14.26 23.34 5.02
N HIS A 307 14.39 23.05 6.32
CA HIS A 307 15.60 22.44 6.86
C HIS A 307 15.70 20.95 6.55
N GLY A 308 14.72 20.36 5.89
CA GLY A 308 14.74 18.95 5.56
C GLY A 308 14.03 18.69 4.25
N ARG A 309 13.95 17.42 3.90
CA ARG A 309 13.31 16.97 2.67
C ARG A 309 11.95 16.35 2.95
N TYR A 310 11.07 16.44 1.96
CA TYR A 310 9.82 15.72 1.98
C TYR A 310 10.00 14.33 1.39
N LEU A 311 9.45 13.33 2.08
CA LEU A 311 9.38 11.96 1.58
C LEU A 311 8.06 11.70 0.88
N THR A 312 6.96 11.89 1.60
CA THR A 312 5.62 11.71 1.05
C THR A 312 4.73 12.80 1.62
N VAL A 313 3.83 13.31 0.78
CA VAL A 313 2.97 14.43 1.12
C VAL A 313 1.60 14.13 0.54
N ALA A 314 0.58 14.03 1.40
CA ALA A 314 -0.79 13.76 0.99
C ALA A 314 -1.59 15.05 1.14
N ALA A 315 -2.18 15.49 0.03
CA ALA A 315 -3.08 16.62 0.00
C ALA A 315 -4.50 16.12 -0.23
N VAL A 316 -5.35 16.30 0.78
CA VAL A 316 -6.73 15.82 0.74
C VAL A 316 -7.66 17.01 0.54
N PHE A 317 -7.98 17.33 -0.70
CA PHE A 317 -8.80 18.49 -0.99
C PHE A 317 -10.27 18.18 -0.74
N ARG A 318 -11.05 19.24 -0.61
CA ARG A 318 -12.48 19.13 -0.31
C ARG A 318 -13.20 20.24 -1.08
N GLY A 319 -13.88 19.85 -2.15
CA GLY A 319 -14.63 20.80 -2.95
C GLY A 319 -14.75 20.38 -4.40
N ARG A 320 -15.67 21.02 -5.13
CA ARG A 320 -15.89 20.73 -6.54
C ARG A 320 -14.80 21.40 -7.35
N MET A 321 -13.66 20.72 -7.43
CA MET A 321 -12.48 21.22 -8.10
C MET A 321 -12.37 20.61 -9.50
N SER A 322 -11.34 21.03 -10.24
CA SER A 322 -10.96 20.40 -11.50
C SER A 322 -9.65 19.66 -11.26
N MET A 323 -9.67 18.33 -11.47
CA MET A 323 -8.53 17.50 -11.12
C MET A 323 -7.28 17.89 -11.91
N LYS A 324 -7.46 18.39 -13.13
CA LYS A 324 -6.32 18.85 -13.91
C LYS A 324 -5.60 19.98 -13.20
N GLU A 325 -6.35 20.97 -12.72
CA GLU A 325 -5.75 22.08 -11.96
C GLU A 325 -5.00 21.56 -10.75
N VAL A 326 -5.61 20.63 -10.02
CA VAL A 326 -5.00 20.04 -8.83
C VAL A 326 -3.65 19.43 -9.17
N ASP A 327 -3.65 18.46 -10.08
CA ASP A 327 -2.42 17.74 -10.39
C ASP A 327 -1.38 18.68 -10.99
N GLU A 328 -1.82 19.66 -11.80
CA GLU A 328 -0.90 20.61 -12.38
C GLU A 328 -0.20 21.42 -11.30
N GLN A 329 -0.96 21.93 -10.32
CA GLN A 329 -0.35 22.76 -9.29
C GLN A 329 0.55 21.95 -8.38
N MET A 330 0.15 20.72 -8.05
CA MET A 330 1.00 19.88 -7.22
C MET A 330 2.30 19.53 -7.94
N LEU A 331 2.20 19.24 -9.24
CA LEU A 331 3.40 18.99 -10.04
C LEU A 331 4.29 20.22 -10.10
N ASN A 332 3.69 21.40 -10.26
CA ASN A 332 4.48 22.62 -10.35
C ASN A 332 5.18 22.92 -9.04
N VAL A 333 4.54 22.60 -7.92
CA VAL A 333 5.20 22.76 -6.62
C VAL A 333 6.32 21.75 -6.47
N GLN A 334 6.11 20.51 -6.92
CA GLN A 334 7.17 19.52 -6.85
C GLN A 334 8.35 19.90 -7.74
N ASN A 335 8.10 20.67 -8.81
CA ASN A 335 9.17 21.11 -9.69
C ASN A 335 9.91 22.33 -9.12
N LYS A 336 9.17 23.31 -8.61
CA LYS A 336 9.79 24.53 -8.08
C LYS A 336 10.67 24.23 -6.88
N ASN A 337 10.33 23.21 -6.10
CA ASN A 337 11.05 22.86 -4.88
C ASN A 337 11.63 21.46 -5.00
N SER A 338 12.26 21.17 -6.14
CA SER A 338 12.80 19.83 -6.39
C SER A 338 13.85 19.45 -5.35
N SER A 339 14.57 20.43 -4.80
CA SER A 339 15.60 20.11 -3.82
C SER A 339 14.99 19.58 -2.53
N TYR A 340 13.86 20.15 -2.11
CA TYR A 340 13.21 19.70 -0.88
C TYR A 340 12.60 18.32 -1.07
N PHE A 341 11.71 18.19 -2.05
CA PHE A 341 11.07 16.90 -2.32
C PHE A 341 12.12 15.88 -2.74
N VAL A 342 12.07 14.70 -2.11
CA VAL A 342 13.08 13.69 -2.34
C VAL A 342 13.03 13.20 -3.79
N GLU A 343 14.17 12.68 -4.26
CA GLU A 343 14.35 12.34 -5.66
C GLU A 343 14.16 10.85 -5.96
N TRP A 344 14.47 9.95 -5.03
CA TRP A 344 14.32 8.53 -5.27
C TRP A 344 12.89 8.03 -5.05
N ILE A 345 11.92 8.94 -4.89
CA ILE A 345 10.51 8.60 -4.83
C ILE A 345 9.82 9.53 -5.82
N PRO A 346 9.79 9.23 -7.11
CA PRO A 346 9.04 10.07 -8.04
C PRO A 346 7.55 10.00 -7.73
N ASN A 347 6.87 11.12 -7.99
CA ASN A 347 5.50 11.33 -7.53
C ASN A 347 5.45 11.23 -6.00
N ASN A 348 6.13 12.19 -5.37
CA ASN A 348 6.07 12.33 -3.92
C ASN A 348 4.69 12.73 -3.42
N VAL A 349 3.81 13.19 -4.31
CA VAL A 349 2.50 13.69 -3.94
C VAL A 349 1.48 12.58 -4.01
N LYS A 350 0.69 12.44 -2.95
CA LYS A 350 -0.59 11.75 -2.98
C LYS A 350 -1.69 12.80 -2.94
N THR A 351 -2.78 12.51 -3.65
CA THR A 351 -3.88 13.45 -3.81
C THR A 351 -5.20 12.76 -3.51
N ALA A 352 -6.11 13.52 -2.92
CA ALA A 352 -7.44 13.02 -2.63
C ALA A 352 -8.42 14.19 -2.67
N VAL A 353 -9.62 13.94 -3.18
CA VAL A 353 -10.60 14.98 -3.44
C VAL A 353 -11.97 14.48 -3.03
N CYS A 354 -12.81 15.41 -2.58
CA CYS A 354 -14.19 15.15 -2.25
C CYS A 354 -15.05 16.29 -2.77
N ASP A 355 -16.37 16.14 -2.64
CA ASP A 355 -17.33 17.10 -3.19
C ASP A 355 -17.98 17.98 -2.13
N ILE A 356 -18.06 17.51 -0.88
CA ILE A 356 -18.75 18.23 0.18
C ILE A 356 -17.69 18.97 1.00
N PRO A 357 -17.60 20.31 0.93
CA PRO A 357 -16.64 21.01 1.77
C PRO A 357 -17.18 21.21 3.17
N PRO A 358 -16.39 21.82 4.06
CA PRO A 358 -16.92 22.14 5.40
C PRO A 358 -18.02 23.17 5.32
N ARG A 359 -18.84 23.20 6.37
CA ARG A 359 -19.93 24.17 6.44
C ARG A 359 -19.40 25.56 6.67
N GLY A 360 -19.37 26.38 5.62
CA GLY A 360 -18.96 27.77 5.73
C GLY A 360 -18.08 28.24 4.58
N LEU A 361 -17.27 27.34 4.05
CA LEU A 361 -16.32 27.66 2.99
C LEU A 361 -16.80 27.11 1.64
N LYS A 362 -16.29 27.71 0.57
CA LYS A 362 -16.57 27.23 -0.77
C LYS A 362 -15.68 26.04 -1.12
N MET A 363 -14.40 26.11 -0.74
CA MET A 363 -13.50 24.97 -0.87
C MET A 363 -12.62 24.88 0.37
N SER A 364 -11.83 23.82 0.47
CA SER A 364 -10.94 23.62 1.60
C SER A 364 -9.91 22.59 1.19
N ALA A 365 -8.94 22.37 2.07
CA ALA A 365 -7.91 21.38 1.81
C ALA A 365 -7.38 20.85 3.14
N THR A 366 -6.45 19.91 3.04
CA THR A 366 -5.80 19.33 4.21
C THR A 366 -4.44 18.79 3.77
N PHE A 367 -3.48 18.85 4.69
CA PHE A 367 -2.08 18.63 4.39
C PHE A 367 -1.52 17.62 5.38
N ILE A 368 -0.81 16.61 4.87
CA ILE A 368 -0.12 15.63 5.72
C ILE A 368 1.24 15.38 5.09
N GLY A 369 2.29 15.99 5.65
CA GLY A 369 3.64 15.86 5.13
C GLY A 369 4.48 14.94 6.00
N ASN A 370 5.12 13.97 5.36
CA ASN A 370 6.09 13.10 6.01
C ASN A 370 7.51 13.62 5.75
N SER A 371 7.78 14.79 6.29
CA SER A 371 9.08 15.43 6.09
C SER A 371 10.13 14.80 7.01
N THR A 372 11.40 15.07 6.69
CA THR A 372 12.51 14.65 7.52
C THR A 372 12.88 15.66 8.59
N ALA A 373 12.22 16.83 8.61
CA ALA A 373 12.47 17.80 9.66
C ALA A 373 12.01 17.30 11.03
N ILE A 374 11.16 16.28 11.07
CA ILE A 374 10.68 15.71 12.32
C ILE A 374 11.82 15.29 13.23
N GLN A 375 12.95 14.88 12.65
CA GLN A 375 14.11 14.48 13.45
C GLN A 375 14.51 15.59 14.41
N GLU A 376 14.41 16.85 13.97
CA GLU A 376 14.75 17.99 14.82
C GLU A 376 13.96 17.95 16.11
N LEU A 377 12.65 17.70 16.03
CA LEU A 377 11.85 17.50 17.22
C LEU A 377 12.48 16.44 18.11
N PHE A 378 12.69 15.24 17.57
CA PHE A 378 13.25 14.16 18.37
C PHE A 378 14.72 14.39 18.69
N LYS A 379 15.33 15.41 18.09
CA LYS A 379 16.64 15.85 18.58
C LYS A 379 16.46 16.69 19.83
N ARG A 380 15.62 17.73 19.76
CA ARG A 380 15.55 18.72 20.83
C ARG A 380 15.13 18.07 22.15
N ILE A 381 13.98 17.38 22.13
CA ILE A 381 13.52 16.61 23.27
C ILE A 381 14.63 15.74 23.83
N SER A 382 15.35 15.04 22.94
CA SER A 382 16.40 14.13 23.39
C SER A 382 17.45 14.87 24.20
N GLU A 383 17.86 16.06 23.74
CA GLU A 383 18.80 16.87 24.50
C GLU A 383 18.26 17.11 25.90
N GLN A 384 17.02 17.60 25.99
CA GLN A 384 16.40 17.82 27.29
C GLN A 384 16.41 16.55 28.12
N PHE A 385 16.07 15.42 27.50
CA PHE A 385 16.07 14.15 28.21
C PHE A 385 17.43 13.87 28.81
N THR A 386 18.49 14.03 28.00
CA THR A 386 19.84 13.82 28.51
C THR A 386 20.12 14.79 29.66
N ALA A 387 19.73 16.05 29.49
CA ALA A 387 20.00 17.05 30.52
C ALA A 387 19.29 16.70 31.82
N MET A 388 18.15 15.99 31.72
CA MET A 388 17.42 15.58 32.92
C MET A 388 17.83 14.18 33.34
N PHE A 389 18.42 13.40 32.43
CA PHE A 389 18.77 12.02 32.73
C PHE A 389 20.21 11.85 33.18
N ARG A 390 21.10 12.77 32.78
CA ARG A 390 22.49 12.67 33.19
C ARG A 390 22.63 12.81 34.69
N ARG A 391 21.84 13.69 35.31
CA ARG A 391 21.85 13.91 36.74
C ARG A 391 20.72 13.19 37.48
N LYS A 392 19.96 12.34 36.79
CA LYS A 392 18.89 11.56 37.40
C LYS A 392 17.82 12.44 38.03
N ALA A 393 17.51 13.57 37.40
CA ALA A 393 16.54 14.50 37.96
C ALA A 393 15.12 13.95 37.84
N PHE A 394 14.30 14.22 38.85
CA PHE A 394 12.88 13.88 38.87
C PHE A 394 12.62 12.39 38.63
N LEU A 395 13.58 11.53 38.98
CA LEU A 395 13.50 10.12 38.62
C LEU A 395 12.86 9.26 39.70
N HIS A 396 12.96 9.65 40.98
CA HIS A 396 12.46 8.80 42.04
C HIS A 396 10.96 8.58 41.96
N TRP A 397 10.22 9.52 41.35
CA TRP A 397 8.79 9.32 41.14
C TRP A 397 8.55 8.12 40.23
N TYR A 398 9.20 8.11 39.07
CA TYR A 398 9.07 6.99 38.14
C TYR A 398 9.61 5.70 38.76
N THR A 399 10.72 5.79 39.48
CA THR A 399 11.36 4.58 40.02
C THR A 399 10.49 3.93 41.08
N GLY A 400 9.95 4.73 42.01
CA GLY A 400 9.16 4.18 43.10
C GLY A 400 7.83 3.60 42.69
N GLU A 401 7.36 3.89 41.48
CA GLU A 401 6.05 3.43 41.03
C GLU A 401 6.12 2.13 40.23
N GLY A 402 7.30 1.72 39.77
CA GLY A 402 7.46 0.43 39.13
C GLY A 402 8.42 0.37 37.96
N MET A 403 9.02 1.50 37.59
CA MET A 403 9.89 1.56 36.42
C MET A 403 11.34 1.23 36.80
N ASP A 404 12.22 1.26 35.81
CA ASP A 404 13.65 1.02 35.98
C ASP A 404 14.38 1.91 35.00
N GLU A 405 15.66 2.18 35.31
CA GLU A 405 16.46 3.06 34.46
C GLU A 405 16.64 2.47 33.07
N MET A 406 16.63 1.14 32.95
CA MET A 406 16.87 0.52 31.66
C MET A 406 15.77 0.86 30.66
N GLU A 407 14.54 1.05 31.12
CA GLU A 407 13.48 1.43 30.20
C GLU A 407 13.72 2.83 29.63
N PHE A 408 14.19 3.75 30.47
CA PHE A 408 14.61 5.05 29.99
C PHE A 408 15.71 4.93 28.93
N THR A 409 16.71 4.08 29.21
CA THR A 409 17.81 3.91 28.27
C THR A 409 17.31 3.33 26.95
N GLU A 410 16.40 2.36 27.00
CA GLU A 410 15.87 1.75 25.79
C GLU A 410 15.06 2.75 24.98
N ALA A 411 14.25 3.56 25.66
CA ALA A 411 13.49 4.59 24.95
C ALA A 411 14.41 5.57 24.25
N GLU A 412 15.48 5.99 24.93
CA GLU A 412 16.44 6.90 24.30
C GLU A 412 17.10 6.24 23.10
N SER A 413 17.50 4.97 23.22
CA SER A 413 18.16 4.30 22.12
C SER A 413 17.24 4.18 20.91
N ASN A 414 16.00 3.78 21.13
CA ASN A 414 15.04 3.64 20.03
C ASN A 414 14.79 5.00 19.38
N MET A 415 14.67 6.05 20.17
CA MET A 415 14.43 7.37 19.61
C MET A 415 15.63 7.87 18.82
N ASN A 416 16.85 7.58 19.28
CA ASN A 416 18.03 7.97 18.50
C ASN A 416 18.11 7.20 17.18
N ASP A 417 17.72 5.93 17.20
CA ASP A 417 17.72 5.16 15.95
C ASP A 417 16.66 5.69 15.00
N LEU A 418 15.54 6.16 15.54
CA LEU A 418 14.53 6.82 14.69
C LEU A 418 15.09 8.11 14.09
N VAL A 419 15.83 8.88 14.89
CA VAL A 419 16.46 10.08 14.35
C VAL A 419 17.42 9.71 13.23
N SER A 420 18.13 8.59 13.38
CA SER A 420 19.05 8.16 12.34
C SER A 420 18.30 7.74 11.08
N GLU A 421 17.17 7.04 11.25
CA GLU A 421 16.27 6.74 10.13
C GLU A 421 15.97 8.01 9.35
N TYR A 422 15.43 9.02 10.04
CA TYR A 422 15.05 10.25 9.37
C TYR A 422 16.26 11.03 8.84
N GLN A 423 17.46 10.79 9.38
CA GLN A 423 18.65 11.46 8.85
C GLN A 423 19.07 10.86 7.52
N GLN A 424 19.18 9.54 7.45
CA GLN A 424 19.83 8.91 6.30
C GLN A 424 19.05 9.10 5.01
N TYR A 425 17.73 9.30 5.10
CA TYR A 425 16.91 9.56 3.93
C TYR A 425 16.82 11.05 3.61
N GLN A 426 17.79 11.85 4.05
CA GLN A 426 17.84 13.28 3.77
C GLN A 426 18.83 13.56 2.65
N MET B 1 -28.70 -11.42 -31.68
CA MET B 1 -27.77 -12.55 -31.45
C MET B 1 -26.50 -12.06 -30.78
N ARG B 2 -25.88 -11.05 -31.38
CA ARG B 2 -24.65 -10.49 -30.86
C ARG B 2 -24.86 -9.93 -29.46
N GLU B 3 -23.74 -9.73 -28.75
CA GLU B 3 -23.77 -9.26 -27.38
C GLU B 3 -22.33 -9.03 -26.93
N CYS B 4 -22.18 -8.27 -25.86
CA CYS B 4 -20.86 -8.02 -25.27
C CYS B 4 -21.04 -7.57 -23.83
N ILE B 5 -20.44 -8.30 -22.89
CA ILE B 5 -20.56 -7.98 -21.48
C ILE B 5 -19.53 -6.91 -21.12
N SER B 6 -19.88 -6.06 -20.15
CA SER B 6 -19.05 -4.93 -19.74
C SER B 6 -18.82 -5.00 -18.24
N ILE B 7 -17.57 -5.31 -17.86
CA ILE B 7 -17.15 -5.27 -16.47
C ILE B 7 -16.52 -3.91 -16.20
N HIS B 8 -16.69 -3.43 -14.97
CA HIS B 8 -16.27 -2.09 -14.58
C HIS B 8 -15.68 -2.19 -13.17
N VAL B 9 -14.38 -2.01 -13.06
CA VAL B 9 -13.66 -2.22 -11.81
C VAL B 9 -13.03 -0.90 -11.38
N GLY B 10 -13.01 -0.68 -10.07
CA GLY B 10 -12.41 0.52 -9.52
C GLY B 10 -13.28 1.74 -9.72
N GLN B 11 -12.90 2.81 -9.01
CA GLN B 11 -13.59 4.08 -9.18
C GLN B 11 -13.47 4.59 -10.62
N ALA B 12 -12.30 4.39 -11.24
CA ALA B 12 -12.14 4.78 -12.63
C ALA B 12 -13.11 4.04 -13.52
N GLY B 13 -13.16 2.71 -13.38
CA GLY B 13 -14.05 1.92 -14.19
C GLY B 13 -15.51 2.26 -13.97
N VAL B 14 -15.89 2.53 -12.72
CA VAL B 14 -17.29 2.80 -12.41
C VAL B 14 -17.70 4.17 -12.94
N GLN B 15 -16.82 5.17 -12.85
CA GLN B 15 -17.18 6.48 -13.36
C GLN B 15 -17.20 6.49 -14.88
N ILE B 16 -16.25 5.79 -15.50
CA ILE B 16 -16.30 5.58 -16.94
C ILE B 16 -17.58 4.85 -17.32
N GLY B 17 -18.03 3.93 -16.45
CA GLY B 17 -19.26 3.23 -16.73
C GLY B 17 -20.46 4.15 -16.68
N ASN B 18 -20.49 5.05 -15.69
CA ASN B 18 -21.54 6.06 -15.64
C ASN B 18 -21.60 6.84 -16.95
N ALA B 19 -20.46 7.35 -17.39
CA ALA B 19 -20.41 8.13 -18.62
C ALA B 19 -20.82 7.29 -19.84
N CYS B 20 -20.28 6.08 -19.94
CA CYS B 20 -20.56 5.22 -21.08
C CYS B 20 -22.03 4.88 -21.15
N TRP B 21 -22.60 4.36 -20.06
CA TRP B 21 -23.99 3.94 -20.08
C TRP B 21 -24.91 5.14 -20.25
N GLU B 22 -24.50 6.34 -19.81
CA GLU B 22 -25.23 7.53 -20.21
C GLU B 22 -25.25 7.68 -21.73
N LEU B 23 -24.08 7.54 -22.36
CA LEU B 23 -24.02 7.63 -23.82
C LEU B 23 -24.91 6.58 -24.48
N TYR B 24 -24.83 5.34 -24.00
CA TYR B 24 -25.61 4.25 -24.58
C TYR B 24 -27.11 4.50 -24.45
N CYS B 25 -27.56 4.84 -23.24
CA CYS B 25 -28.97 5.11 -23.03
C CYS B 25 -29.44 6.30 -23.85
N LEU B 26 -28.55 7.23 -24.15
CA LEU B 26 -28.93 8.37 -24.98
C LEU B 26 -29.03 7.98 -26.45
N GLU B 27 -28.08 7.20 -26.95
CA GLU B 27 -28.05 6.89 -28.39
C GLU B 27 -29.27 6.07 -28.79
N HIS B 28 -29.57 5.02 -28.05
CA HIS B 28 -30.73 4.19 -28.35
C HIS B 28 -32.04 4.83 -27.96
N GLY B 29 -32.03 6.03 -27.37
CA GLY B 29 -33.25 6.73 -27.03
C GLY B 29 -33.89 6.29 -25.73
N ILE B 30 -33.18 5.52 -24.90
CA ILE B 30 -33.79 4.92 -23.72
C ILE B 30 -33.66 5.88 -22.54
N GLN B 31 -34.77 6.06 -21.83
CA GLN B 31 -34.86 6.92 -20.66
C GLN B 31 -33.93 6.43 -19.55
N PRO B 32 -33.66 7.24 -18.53
CA PRO B 32 -32.86 6.72 -17.41
C PRO B 32 -33.50 5.56 -16.67
N ASP B 33 -34.83 5.48 -16.65
CA ASP B 33 -35.53 4.42 -15.93
C ASP B 33 -35.72 3.15 -16.75
N GLY B 34 -34.99 3.01 -17.87
CA GLY B 34 -35.05 1.80 -18.66
C GLY B 34 -36.15 1.79 -19.71
N GLN B 35 -37.23 2.53 -19.45
CA GLN B 35 -38.37 2.53 -20.36
C GLN B 35 -37.98 3.20 -21.68
N MET B 36 -38.30 2.52 -22.79
CA MET B 36 -38.00 3.00 -24.12
C MET B 36 -39.25 3.56 -24.76
N PRO B 37 -39.43 4.90 -24.85
CA PRO B 37 -40.63 5.39 -25.53
C PRO B 37 -40.55 5.24 -27.06
N ASP B 47 -33.14 -5.73 -32.03
CA ASP B 47 -33.00 -4.73 -33.09
C ASP B 47 -31.56 -4.22 -33.16
N SER B 48 -31.21 -3.27 -32.29
CA SER B 48 -29.86 -2.73 -32.19
C SER B 48 -29.36 -2.68 -30.75
N PHE B 49 -30.25 -2.51 -29.78
CA PHE B 49 -29.85 -2.42 -28.39
C PHE B 49 -29.32 -3.72 -27.82
N ASN B 50 -29.50 -4.84 -28.52
CA ASN B 50 -29.15 -6.14 -27.97
C ASN B 50 -27.66 -6.27 -27.71
N THR B 51 -26.82 -5.48 -28.39
CA THR B 51 -25.37 -5.58 -28.18
C THR B 51 -24.98 -5.19 -26.75
N PHE B 52 -25.79 -4.37 -26.08
CA PHE B 52 -25.49 -3.90 -24.74
C PHE B 52 -26.65 -3.99 -23.76
N PHE B 53 -27.89 -4.12 -24.24
CA PHE B 53 -29.07 -4.11 -23.38
C PHE B 53 -29.84 -5.41 -23.56
N SER B 54 -30.28 -5.98 -22.45
CA SER B 54 -31.24 -7.07 -22.46
C SER B 54 -32.64 -6.47 -22.56
N GLU B 55 -33.67 -7.28 -22.33
CA GLU B 55 -35.04 -6.79 -22.33
C GLU B 55 -35.80 -7.53 -21.24
N THR B 56 -36.21 -6.80 -20.20
CA THR B 56 -36.91 -7.38 -19.06
C THR B 56 -38.41 -7.44 -19.36
N GLY B 57 -38.75 -8.30 -20.33
CA GLY B 57 -40.13 -8.49 -20.71
C GLY B 57 -40.71 -7.30 -21.44
N ALA B 58 -41.63 -6.59 -20.79
CA ALA B 58 -42.35 -5.49 -21.40
C ALA B 58 -41.90 -4.17 -20.78
N GLY B 59 -41.52 -3.23 -21.64
CA GLY B 59 -41.17 -1.88 -21.21
C GLY B 59 -40.03 -1.83 -20.23
N LYS B 60 -38.88 -2.38 -20.61
CA LYS B 60 -37.70 -2.36 -19.77
C LYS B 60 -36.51 -2.83 -20.60
N HIS B 61 -35.34 -2.26 -20.30
CA HIS B 61 -34.10 -2.62 -20.96
C HIS B 61 -32.97 -2.49 -19.96
N VAL B 62 -32.52 -3.62 -19.41
CA VAL B 62 -31.43 -3.62 -18.44
C VAL B 62 -30.13 -3.83 -19.20
N PRO B 63 -29.01 -3.25 -18.76
CA PRO B 63 -27.78 -3.36 -19.53
C PRO B 63 -27.05 -4.67 -19.27
N ARG B 64 -26.10 -4.95 -20.15
CA ARG B 64 -25.23 -6.12 -20.03
C ARG B 64 -23.95 -5.75 -19.29
N ALA B 65 -24.11 -5.12 -18.12
CA ALA B 65 -22.99 -4.60 -17.36
C ALA B 65 -22.97 -5.21 -15.97
N VAL B 66 -21.78 -5.19 -15.37
CA VAL B 66 -21.59 -5.59 -13.97
C VAL B 66 -20.58 -4.63 -13.35
N PHE B 67 -21.08 -3.68 -12.56
CA PHE B 67 -20.22 -2.78 -11.82
C PHE B 67 -19.68 -3.51 -10.60
N VAL B 68 -18.37 -3.63 -10.52
CA VAL B 68 -17.69 -4.24 -9.37
C VAL B 68 -16.77 -3.21 -8.76
N ASP B 69 -16.73 -3.17 -7.44
CA ASP B 69 -15.88 -2.25 -6.71
C ASP B 69 -15.93 -2.61 -5.24
N LEU B 70 -14.89 -2.22 -4.52
CA LEU B 70 -14.78 -2.47 -3.09
C LEU B 70 -15.02 -1.23 -2.25
N GLU B 71 -14.78 -0.05 -2.80
CA GLU B 71 -15.17 1.19 -2.14
C GLU B 71 -16.69 1.34 -2.25
N PRO B 72 -17.47 1.22 -1.16
CA PRO B 72 -18.93 1.28 -1.31
C PRO B 72 -19.45 2.64 -1.76
N THR B 73 -18.62 3.68 -1.67
CA THR B 73 -19.04 5.03 -2.01
C THR B 73 -19.41 5.17 -3.48
N VAL B 74 -18.54 4.71 -4.38
CA VAL B 74 -18.77 4.91 -5.81
C VAL B 74 -19.99 4.13 -6.27
N ILE B 75 -20.21 2.95 -5.70
CA ILE B 75 -21.35 2.13 -6.11
C ILE B 75 -22.64 2.69 -5.51
N ASP B 76 -22.60 3.16 -4.26
CA ASP B 76 -23.78 3.75 -3.67
C ASP B 76 -24.13 5.06 -4.33
N GLU B 77 -23.15 5.73 -4.93
CA GLU B 77 -23.44 6.92 -5.73
C GLU B 77 -24.29 6.56 -6.95
N VAL B 78 -24.19 5.34 -7.45
CA VAL B 78 -25.02 4.90 -8.57
C VAL B 78 -26.34 4.30 -8.07
N ARG B 79 -26.33 3.65 -6.91
CA ARG B 79 -27.57 3.13 -6.36
C ARG B 79 -28.55 4.24 -5.99
N THR B 80 -28.03 5.43 -5.66
CA THR B 80 -28.85 6.60 -5.38
C THR B 80 -28.90 7.58 -6.53
N GLY B 81 -28.01 7.47 -7.52
CA GLY B 81 -27.98 8.39 -8.63
C GLY B 81 -29.22 8.31 -9.52
N THR B 82 -29.18 9.01 -10.64
CA THR B 82 -30.32 9.03 -11.55
C THR B 82 -30.59 7.66 -12.17
N TYR B 83 -29.57 6.81 -12.27
CA TYR B 83 -29.71 5.48 -12.87
C TYR B 83 -29.92 4.40 -11.82
N ARG B 84 -30.57 4.74 -10.70
CA ARG B 84 -30.89 3.72 -9.71
C ARG B 84 -31.89 2.71 -10.26
N GLN B 85 -32.74 3.13 -11.19
CA GLN B 85 -33.77 2.27 -11.74
C GLN B 85 -33.28 1.39 -12.88
N LEU B 86 -32.28 1.86 -13.64
CA LEU B 86 -31.78 1.07 -14.77
C LEU B 86 -31.11 -0.19 -14.28
N PHE B 87 -30.04 -0.05 -13.51
CA PHE B 87 -29.43 -1.18 -12.85
C PHE B 87 -30.31 -1.65 -11.71
N HIS B 88 -30.16 -2.92 -11.35
CA HIS B 88 -30.78 -3.51 -10.18
C HIS B 88 -29.71 -4.04 -9.24
N PRO B 89 -30.02 -4.21 -7.95
CA PRO B 89 -28.95 -4.27 -6.93
C PRO B 89 -27.95 -5.42 -7.10
N GLU B 90 -28.21 -6.39 -7.97
CA GLU B 90 -27.29 -7.52 -8.10
C GLU B 90 -26.08 -7.16 -8.95
N GLN B 91 -26.27 -6.43 -10.04
CA GLN B 91 -25.16 -6.00 -10.88
C GLN B 91 -24.25 -4.99 -10.18
N LEU B 92 -24.73 -4.35 -9.13
CA LEU B 92 -23.97 -3.33 -8.41
C LEU B 92 -23.28 -3.95 -7.20
N ILE B 93 -22.26 -4.77 -7.48
CA ILE B 93 -21.53 -5.44 -6.41
C ILE B 93 -20.77 -4.41 -5.59
N THR B 94 -20.68 -4.67 -4.29
CA THR B 94 -20.05 -3.76 -3.35
C THR B 94 -19.38 -4.55 -2.25
N GLY B 95 -18.09 -4.27 -2.03
CA GLY B 95 -17.36 -4.83 -0.92
C GLY B 95 -17.59 -4.06 0.35
N LYS B 96 -16.67 -4.23 1.30
CA LYS B 96 -16.72 -3.56 2.59
C LYS B 96 -15.46 -2.75 2.89
N GLU B 97 -14.29 -3.29 2.57
CA GLU B 97 -13.02 -2.60 2.76
C GLU B 97 -12.27 -2.60 1.44
N ASP B 98 -11.84 -1.40 1.02
CA ASP B 98 -11.22 -1.25 -0.28
C ASP B 98 -9.81 -1.84 -0.29
N ALA B 99 -9.28 -2.03 -1.50
CA ALA B 99 -7.90 -2.46 -1.64
C ALA B 99 -6.92 -1.40 -1.18
N ALA B 100 -7.30 -0.13 -1.26
CA ALA B 100 -6.48 0.97 -0.77
C ALA B 100 -5.14 1.04 -1.51
N ASN B 101 -5.22 1.11 -2.84
CA ASN B 101 -4.04 1.32 -3.68
C ASN B 101 -3.03 0.19 -3.53
N ASN B 102 -3.52 -1.01 -3.20
CA ASN B 102 -2.68 -2.18 -2.95
C ASN B 102 -3.11 -3.29 -3.89
N TYR B 103 -2.16 -3.79 -4.68
CA TYR B 103 -2.41 -4.93 -5.55
C TYR B 103 -2.85 -6.14 -4.74
N ALA B 104 -2.13 -6.43 -3.65
CA ALA B 104 -2.32 -7.70 -2.94
C ALA B 104 -3.68 -7.77 -2.28
N ARG B 105 -4.16 -6.67 -1.70
CA ARG B 105 -5.46 -6.69 -1.04
C ARG B 105 -6.58 -6.92 -2.05
N GLY B 106 -6.52 -6.23 -3.18
CA GLY B 106 -7.49 -6.43 -4.22
C GLY B 106 -7.28 -7.66 -5.08
N HIS B 107 -6.21 -8.41 -4.86
CA HIS B 107 -5.89 -9.60 -5.64
C HIS B 107 -6.31 -10.88 -4.94
N TYR B 108 -5.95 -11.07 -3.67
CA TYR B 108 -6.30 -12.29 -2.96
C TYR B 108 -6.95 -12.06 -1.59
N THR B 109 -6.48 -11.08 -0.83
CA THR B 109 -6.94 -10.96 0.55
C THR B 109 -8.40 -10.53 0.59
N ILE B 110 -8.72 -9.40 -0.04
CA ILE B 110 -10.11 -8.93 -0.11
C ILE B 110 -10.83 -9.50 -1.33
N GLY B 111 -10.10 -9.89 -2.38
CA GLY B 111 -10.75 -10.32 -3.60
C GLY B 111 -11.52 -11.62 -3.46
N LYS B 112 -11.02 -12.54 -2.65
CA LYS B 112 -11.67 -13.84 -2.48
C LYS B 112 -13.06 -13.74 -1.85
N GLU B 113 -13.35 -12.64 -1.15
CA GLU B 113 -14.65 -12.47 -0.53
C GLU B 113 -15.74 -12.10 -1.53
N ILE B 114 -15.38 -11.67 -2.74
CA ILE B 114 -16.32 -11.01 -3.65
C ILE B 114 -16.36 -11.72 -5.00
N ILE B 115 -15.27 -12.41 -5.37
CA ILE B 115 -15.14 -12.85 -6.76
C ILE B 115 -16.12 -13.98 -7.08
N ASP B 116 -16.47 -14.81 -6.10
CA ASP B 116 -17.43 -15.87 -6.36
C ASP B 116 -18.75 -15.30 -6.82
N LEU B 117 -19.16 -14.17 -6.23
CA LEU B 117 -20.45 -13.58 -6.56
C LEU B 117 -20.43 -12.97 -7.96
N VAL B 118 -19.37 -12.26 -8.33
CA VAL B 118 -19.34 -11.66 -9.66
C VAL B 118 -19.19 -12.74 -10.72
N LEU B 119 -18.47 -13.82 -10.42
CA LEU B 119 -18.36 -14.90 -11.40
C LEU B 119 -19.69 -15.62 -11.57
N ASP B 120 -20.42 -15.86 -10.47
CA ASP B 120 -21.78 -16.39 -10.58
C ASP B 120 -22.65 -15.47 -11.42
N ARG B 121 -22.50 -14.15 -11.23
CA ARG B 121 -23.33 -13.22 -11.97
C ARG B 121 -22.97 -13.22 -13.45
N ILE B 122 -21.68 -13.34 -13.77
CA ILE B 122 -21.28 -13.38 -15.17
C ILE B 122 -21.74 -14.68 -15.81
N ARG B 123 -21.79 -15.77 -15.05
CA ARG B 123 -22.37 -17.00 -15.58
C ARG B 123 -23.85 -16.82 -15.86
N LYS B 124 -24.58 -16.18 -14.94
CA LYS B 124 -25.99 -15.90 -15.17
C LYS B 124 -26.22 -14.91 -16.30
N LEU B 125 -25.24 -14.06 -16.58
CA LEU B 125 -25.38 -13.01 -17.58
C LEU B 125 -24.93 -13.44 -18.97
N ALA B 126 -24.04 -14.42 -19.06
CA ALA B 126 -23.62 -14.97 -20.33
C ALA B 126 -24.53 -16.08 -20.83
N ASP B 127 -25.16 -16.83 -19.93
CA ASP B 127 -26.17 -17.81 -20.30
C ASP B 127 -27.46 -17.16 -20.76
N GLN B 128 -27.62 -15.85 -20.56
CA GLN B 128 -28.77 -15.13 -21.07
C GLN B 128 -28.65 -14.83 -22.56
N CYS B 129 -27.44 -14.52 -23.02
CA CYS B 129 -27.20 -14.23 -24.41
C CYS B 129 -26.86 -15.51 -25.18
N THR B 130 -26.67 -15.35 -26.49
CA THR B 130 -26.42 -16.46 -27.40
C THR B 130 -25.25 -16.24 -28.34
N GLY B 131 -24.86 -14.98 -28.59
CA GLY B 131 -23.84 -14.65 -29.56
C GLY B 131 -22.78 -13.73 -28.99
N LEU B 132 -22.37 -14.00 -27.75
CA LEU B 132 -21.40 -13.17 -27.04
C LEU B 132 -20.15 -12.92 -27.86
N GLN B 133 -19.84 -11.64 -28.08
CA GLN B 133 -18.72 -11.25 -28.92
C GLN B 133 -17.44 -11.02 -28.13
N GLY B 134 -17.55 -10.55 -26.91
CA GLY B 134 -16.37 -10.26 -26.11
C GLY B 134 -16.71 -9.43 -24.89
N PHE B 135 -15.75 -9.39 -23.96
CA PHE B 135 -15.88 -8.67 -22.71
C PHE B 135 -15.31 -7.26 -22.83
N LEU B 136 -15.49 -6.47 -21.77
CA LEU B 136 -14.96 -5.10 -21.72
C LEU B 136 -14.67 -4.80 -20.25
N VAL B 137 -13.39 -4.70 -19.90
CA VAL B 137 -12.95 -4.56 -18.52
C VAL B 137 -12.24 -3.23 -18.36
N PHE B 138 -12.87 -2.29 -17.67
CA PHE B 138 -12.33 -0.95 -17.46
C PHE B 138 -11.65 -0.91 -16.11
N HIS B 139 -10.41 -0.42 -16.08
CA HIS B 139 -9.65 -0.38 -14.84
C HIS B 139 -8.43 0.50 -15.03
N SER B 140 -7.99 1.11 -13.93
CA SER B 140 -6.76 1.89 -13.92
C SER B 140 -5.62 1.06 -13.37
N PHE B 141 -4.44 1.21 -13.97
CA PHE B 141 -3.26 0.47 -13.52
C PHE B 141 -2.71 0.97 -12.19
N GLY B 142 -3.21 2.09 -11.68
CA GLY B 142 -2.65 2.67 -10.47
C GLY B 142 -3.30 2.15 -9.22
N GLY B 143 -4.62 2.05 -9.22
CA GLY B 143 -5.35 1.60 -8.06
C GLY B 143 -5.05 0.14 -7.74
N GLY B 144 -5.38 -0.22 -6.51
CA GLY B 144 -5.17 -1.58 -6.06
C GLY B 144 -6.23 -2.52 -6.59
N THR B 145 -7.48 -2.06 -6.51
CA THR B 145 -8.59 -2.87 -7.00
C THR B 145 -8.45 -3.13 -8.50
N GLY B 146 -8.38 -2.06 -9.29
CA GLY B 146 -8.37 -2.18 -10.74
C GLY B 146 -7.20 -2.98 -11.30
N SER B 147 -6.15 -3.16 -10.50
CA SER B 147 -5.03 -4.03 -10.88
C SER B 147 -5.20 -5.45 -10.36
N GLY B 148 -5.29 -5.64 -9.05
CA GLY B 148 -5.31 -6.97 -8.49
C GLY B 148 -6.58 -7.73 -8.81
N PHE B 149 -7.73 -7.10 -8.56
CA PHE B 149 -8.99 -7.77 -8.81
C PHE B 149 -9.15 -8.08 -10.28
N THR B 150 -8.67 -7.20 -11.16
CA THR B 150 -8.76 -7.48 -12.59
C THR B 150 -7.81 -8.57 -13.01
N SER B 151 -6.62 -8.65 -12.41
CA SER B 151 -5.74 -9.78 -12.68
C SER B 151 -6.42 -11.09 -12.31
N LEU B 152 -6.99 -11.14 -11.10
CA LEU B 152 -7.69 -12.35 -10.65
C LEU B 152 -8.85 -12.68 -11.59
N LEU B 153 -9.60 -11.66 -12.00
CA LEU B 153 -10.79 -11.89 -12.81
C LEU B 153 -10.41 -12.37 -14.21
N MET B 154 -9.37 -11.79 -14.79
CA MET B 154 -8.88 -12.28 -16.08
C MET B 154 -8.42 -13.72 -15.97
N GLU B 155 -7.73 -14.08 -14.87
CA GLU B 155 -7.32 -15.46 -14.68
C GLU B 155 -8.53 -16.39 -14.66
N ARG B 156 -9.54 -16.05 -13.85
CA ARG B 156 -10.69 -16.92 -13.70
C ARG B 156 -11.46 -17.05 -15.02
N LEU B 157 -11.61 -15.94 -15.74
CA LEU B 157 -12.33 -15.99 -17.00
C LEU B 157 -11.57 -16.80 -18.05
N SER B 158 -10.25 -16.58 -18.14
CA SER B 158 -9.45 -17.34 -19.10
C SER B 158 -9.49 -18.83 -18.79
N VAL B 159 -9.54 -19.20 -17.51
CA VAL B 159 -9.71 -20.60 -17.15
C VAL B 159 -11.10 -21.08 -17.56
N ASP B 160 -12.10 -20.23 -17.40
CA ASP B 160 -13.48 -20.64 -17.70
C ASP B 160 -13.78 -20.53 -19.19
N TYR B 161 -13.71 -19.32 -19.75
CA TYR B 161 -14.08 -19.09 -21.15
C TYR B 161 -12.88 -19.24 -22.08
N GLY B 162 -11.87 -18.40 -21.90
CA GLY B 162 -10.64 -18.52 -22.67
C GLY B 162 -10.72 -17.97 -24.07
N LYS B 163 -11.63 -18.51 -24.88
CA LYS B 163 -11.69 -18.19 -26.29
C LYS B 163 -12.29 -16.83 -26.58
N LYS B 164 -13.16 -16.33 -25.72
CA LYS B 164 -13.89 -15.10 -26.01
C LYS B 164 -12.94 -13.90 -25.97
N SER B 165 -13.18 -12.95 -26.86
CA SER B 165 -12.31 -11.80 -27.02
C SER B 165 -12.44 -10.89 -25.80
N LYS B 166 -11.44 -10.92 -24.92
CA LYS B 166 -11.45 -10.11 -23.70
C LYS B 166 -10.66 -8.83 -23.95
N LEU B 167 -11.36 -7.71 -23.88
CA LEU B 167 -10.78 -6.39 -24.10
C LEU B 167 -10.80 -5.62 -22.80
N GLU B 168 -9.90 -4.65 -22.68
CA GLU B 168 -9.81 -3.80 -21.49
C GLU B 168 -9.31 -2.43 -21.89
N PHE B 169 -10.12 -1.41 -21.65
CA PHE B 169 -9.82 -0.05 -22.06
C PHE B 169 -9.30 0.72 -20.86
N SER B 170 -8.06 0.42 -20.51
CA SER B 170 -7.54 0.70 -19.17
C SER B 170 -6.86 2.06 -19.13
N ILE B 171 -7.15 2.81 -18.05
CA ILE B 171 -6.41 4.04 -17.78
C ILE B 171 -4.98 3.68 -17.39
N TYR B 172 -4.05 4.56 -17.73
CA TYR B 172 -2.63 4.38 -17.49
C TYR B 172 -2.07 5.57 -16.74
N PRO B 173 -1.26 5.38 -15.69
CA PRO B 173 -0.70 6.54 -14.98
C PRO B 173 0.34 7.25 -15.82
N ALA B 174 0.34 8.57 -15.75
CA ALA B 174 1.28 9.39 -16.52
C ALA B 174 2.59 9.50 -15.75
N PRO B 175 3.66 9.94 -16.44
CA PRO B 175 4.93 10.08 -15.72
C PRO B 175 4.97 11.29 -14.80
N GLN B 176 4.47 12.43 -15.25
CA GLN B 176 4.48 13.66 -14.48
C GLN B 176 3.15 13.88 -13.77
N VAL B 177 2.06 13.92 -14.54
CA VAL B 177 0.72 14.16 -13.99
C VAL B 177 0.20 12.82 -13.51
N SER B 178 0.51 12.50 -12.26
CA SER B 178 0.04 11.28 -11.61
C SER B 178 -0.34 11.59 -10.18
N THR B 179 -1.30 10.83 -9.66
CA THR B 179 -1.98 11.16 -8.42
C THR B 179 -1.49 10.40 -7.21
N ALA B 180 -1.08 9.15 -7.37
CA ALA B 180 -0.67 8.29 -6.27
C ALA B 180 0.82 8.01 -6.31
N VAL B 181 1.35 7.57 -5.17
CA VAL B 181 2.79 7.37 -5.04
C VAL B 181 3.21 5.98 -5.49
N VAL B 182 2.32 5.00 -5.41
CA VAL B 182 2.67 3.59 -5.53
C VAL B 182 2.04 3.01 -6.80
N GLU B 183 1.89 3.84 -7.82
CA GLU B 183 1.31 3.37 -9.08
C GLU B 183 2.25 2.50 -9.91
N PRO B 184 3.56 2.80 -10.05
CA PRO B 184 4.42 1.95 -10.89
C PRO B 184 4.44 0.51 -10.45
N TYR B 185 4.44 0.25 -9.13
CA TYR B 185 4.36 -1.10 -8.62
C TYR B 185 3.17 -1.84 -9.23
N ASN B 186 1.96 -1.37 -8.94
CA ASN B 186 0.76 -2.08 -9.35
C ASN B 186 0.68 -2.21 -10.86
N SER B 187 1.13 -1.19 -11.58
CA SER B 187 1.14 -1.26 -13.03
C SER B 187 2.01 -2.41 -13.52
N ILE B 188 3.25 -2.48 -13.05
CA ILE B 188 4.15 -3.57 -13.46
C ILE B 188 3.58 -4.91 -13.02
N LEU B 189 2.98 -4.97 -11.83
CA LEU B 189 2.45 -6.24 -11.34
C LEU B 189 1.33 -6.77 -12.21
N THR B 190 0.44 -5.89 -12.69
CA THR B 190 -0.71 -6.34 -13.47
C THR B 190 -0.47 -6.38 -14.97
N THR B 191 0.68 -5.87 -15.44
CA THR B 191 1.00 -6.05 -16.86
C THR B 191 1.10 -7.53 -17.24
N HIS B 192 1.43 -8.39 -16.29
CA HIS B 192 1.49 -9.83 -16.55
C HIS B 192 0.15 -10.34 -17.07
N THR B 193 -0.93 -10.06 -16.34
CA THR B 193 -2.26 -10.48 -16.77
C THR B 193 -2.77 -9.62 -17.92
N THR B 194 -2.29 -8.38 -18.03
CA THR B 194 -2.60 -7.57 -19.20
C THR B 194 -2.08 -8.23 -20.46
N LEU B 195 -0.99 -8.98 -20.34
CA LEU B 195 -0.41 -9.67 -21.50
C LEU B 195 -1.05 -11.02 -21.73
N GLU B 196 -0.98 -11.91 -20.73
CA GLU B 196 -1.26 -13.32 -21.00
C GLU B 196 -2.75 -13.56 -21.27
N HIS B 197 -3.63 -12.88 -20.53
CA HIS B 197 -5.05 -13.18 -20.59
C HIS B 197 -5.83 -12.26 -21.51
N SER B 198 -5.51 -10.98 -21.56
CA SER B 198 -6.23 -10.06 -22.43
C SER B 198 -5.92 -10.38 -23.89
N ASP B 199 -6.62 -9.68 -24.78
CA ASP B 199 -6.54 -9.93 -26.23
C ASP B 199 -6.19 -8.68 -27.02
N CYS B 200 -6.74 -7.52 -26.65
CA CYS B 200 -6.24 -6.25 -27.18
C CYS B 200 -6.68 -5.14 -26.22
N ALA B 201 -5.70 -4.58 -25.50
CA ALA B 201 -5.97 -3.54 -24.50
C ALA B 201 -5.64 -2.18 -25.08
N PHE B 202 -6.48 -1.18 -24.75
CA PHE B 202 -6.34 0.17 -25.27
C PHE B 202 -5.88 1.07 -24.13
N MET B 203 -4.57 1.27 -24.04
CA MET B 203 -4.02 2.11 -22.99
C MET B 203 -4.47 3.56 -23.17
N VAL B 204 -4.71 4.23 -22.06
CA VAL B 204 -5.19 5.62 -22.04
C VAL B 204 -4.51 6.34 -20.90
N ASP B 205 -4.07 7.57 -21.18
CA ASP B 205 -3.42 8.43 -20.20
C ASP B 205 -4.30 9.65 -19.94
N ASN B 206 -4.18 10.21 -18.73
CA ASN B 206 -5.02 11.33 -18.34
C ASN B 206 -4.47 12.66 -18.83
N GLU B 207 -3.14 12.82 -18.81
CA GLU B 207 -2.55 14.10 -19.19
C GLU B 207 -2.77 14.37 -20.68
N ALA B 208 -2.83 13.33 -21.50
CA ALA B 208 -3.16 13.51 -22.90
C ALA B 208 -4.55 14.09 -23.06
N ILE B 209 -5.51 13.60 -22.28
CA ILE B 209 -6.86 14.12 -22.40
C ILE B 209 -6.92 15.54 -21.85
N TYR B 210 -6.13 15.82 -20.81
CA TYR B 210 -6.03 17.19 -20.30
C TYR B 210 -5.55 18.13 -21.39
N ASP B 211 -4.49 17.74 -22.10
CA ASP B 211 -3.95 18.58 -23.16
C ASP B 211 -4.96 18.75 -24.29
N ILE B 212 -5.68 17.68 -24.64
CA ILE B 212 -6.66 17.76 -25.72
C ILE B 212 -7.79 18.69 -25.33
N CYS B 213 -8.24 18.61 -24.07
CA CYS B 213 -9.34 19.47 -23.62
C CYS B 213 -8.89 20.92 -23.53
N ARG B 214 -7.62 21.14 -23.16
CA ARG B 214 -7.08 22.49 -23.08
C ARG B 214 -6.98 23.11 -24.46
N ARG B 215 -6.35 22.40 -25.40
CA ARG B 215 -6.10 22.96 -26.72
C ARG B 215 -7.39 23.12 -27.52
N ASN B 216 -8.08 22.01 -27.78
CA ASN B 216 -9.20 22.03 -28.71
C ASN B 216 -10.48 22.52 -28.04
N LEU B 217 -10.95 21.80 -27.03
CA LEU B 217 -12.22 22.13 -26.39
C LEU B 217 -12.19 23.47 -25.68
N ASP B 218 -11.01 23.99 -25.36
CA ASP B 218 -10.86 25.31 -24.74
C ASP B 218 -11.51 25.32 -23.35
N ILE B 219 -11.22 24.29 -22.56
CA ILE B 219 -11.61 24.22 -21.15
C ILE B 219 -10.35 24.35 -20.32
N GLU B 220 -10.29 25.40 -19.49
CA GLU B 220 -9.11 25.63 -18.67
C GLU B 220 -9.10 24.79 -17.41
N ARG B 221 -10.26 24.27 -17.00
CA ARG B 221 -10.42 23.54 -15.74
C ARG B 221 -11.23 22.27 -15.97
N PRO B 222 -10.67 21.27 -16.65
CA PRO B 222 -11.40 20.03 -16.93
C PRO B 222 -11.27 19.03 -15.80
N THR B 223 -12.40 18.48 -15.36
CA THR B 223 -12.41 17.41 -14.37
C THR B 223 -12.60 16.07 -15.07
N TYR B 224 -12.73 14.99 -14.28
CA TYR B 224 -12.73 13.64 -14.83
C TYR B 224 -13.97 13.33 -15.67
N THR B 225 -15.07 14.08 -15.48
CA THR B 225 -16.28 13.79 -16.25
C THR B 225 -16.05 13.96 -17.74
N ASN B 226 -15.29 14.97 -18.15
CA ASN B 226 -15.04 15.19 -19.57
C ASN B 226 -14.14 14.10 -20.15
N LEU B 227 -13.12 13.70 -19.39
CA LEU B 227 -12.30 12.55 -19.76
C LEU B 227 -13.17 11.32 -20.01
N ASN B 228 -14.11 11.08 -19.10
CA ASN B 228 -14.94 9.89 -19.20
C ASN B 228 -15.89 9.99 -20.38
N ARG B 229 -16.39 11.19 -20.68
CA ARG B 229 -17.22 11.38 -21.86
C ARG B 229 -16.44 11.07 -23.13
N LEU B 230 -15.19 11.55 -23.20
CA LEU B 230 -14.36 11.29 -24.38
C LEU B 230 -14.09 9.79 -24.54
N ILE B 231 -13.80 9.10 -23.43
CA ILE B 231 -13.55 7.67 -23.52
C ILE B 231 -14.82 6.93 -23.89
N SER B 232 -15.97 7.41 -23.44
CA SER B 232 -17.24 6.82 -23.86
C SER B 232 -17.45 6.98 -25.35
N GLN B 233 -17.11 8.15 -25.89
CA GLN B 233 -17.18 8.33 -27.34
C GLN B 233 -16.27 7.35 -28.06
N ILE B 234 -15.07 7.10 -27.51
CA ILE B 234 -14.17 6.12 -28.11
C ILE B 234 -14.82 4.75 -28.14
N VAL B 235 -15.39 4.32 -27.01
CA VAL B 235 -15.97 2.97 -26.94
C VAL B 235 -17.15 2.86 -27.89
N SER B 236 -17.95 3.91 -27.97
CA SER B 236 -19.07 3.92 -28.92
C SER B 236 -18.57 3.85 -30.36
N SER B 237 -17.45 4.50 -30.66
CA SER B 237 -16.87 4.37 -32.00
C SER B 237 -16.42 2.95 -32.26
N ILE B 238 -15.87 2.28 -31.24
CA ILE B 238 -15.49 0.88 -31.40
C ILE B 238 -16.70 0.02 -31.70
N THR B 239 -17.77 0.20 -30.94
CA THR B 239 -18.88 -0.75 -30.90
C THR B 239 -20.07 -0.34 -31.75
N ALA B 240 -19.98 0.76 -32.51
CA ALA B 240 -21.06 1.09 -33.43
C ALA B 240 -21.08 0.15 -34.62
N SER B 241 -19.96 -0.51 -34.91
CA SER B 241 -19.94 -1.55 -35.92
C SER B 241 -20.80 -2.74 -35.52
N LEU B 242 -21.01 -2.94 -34.22
CA LEU B 242 -21.92 -3.97 -33.72
C LEU B 242 -23.33 -3.44 -33.57
N ARG B 243 -23.48 -2.30 -32.89
CA ARG B 243 -24.80 -1.79 -32.54
C ARG B 243 -25.61 -1.48 -33.80
N PHE B 244 -25.16 -0.51 -34.59
CA PHE B 244 -25.84 -0.13 -35.82
C PHE B 244 -25.25 -0.90 -37.00
N ASP B 245 -25.86 -0.71 -38.17
CA ASP B 245 -25.48 -1.41 -39.39
C ASP B 245 -24.87 -0.40 -40.34
N GLY B 246 -23.59 -0.57 -40.65
CA GLY B 246 -22.86 0.31 -41.54
C GLY B 246 -22.72 -0.27 -42.93
N ALA B 247 -22.12 0.53 -43.80
CA ALA B 247 -21.80 0.10 -45.15
C ALA B 247 -20.60 -0.85 -45.18
N LEU B 248 -19.78 -0.85 -44.14
CA LEU B 248 -18.59 -1.70 -44.10
C LEU B 248 -18.33 -2.02 -42.63
N ASN B 249 -18.80 -3.17 -42.19
CA ASN B 249 -18.78 -3.53 -40.78
C ASN B 249 -17.42 -4.09 -40.38
N VAL B 250 -17.08 -3.89 -39.11
CA VAL B 250 -15.83 -4.38 -38.53
C VAL B 250 -16.13 -5.00 -37.18
N ASP B 251 -16.26 -6.33 -37.13
CA ASP B 251 -16.50 -7.03 -35.89
C ASP B 251 -15.23 -7.05 -35.04
N LEU B 252 -15.38 -7.46 -33.78
CA LEU B 252 -14.25 -7.45 -32.87
C LEU B 252 -13.21 -8.50 -33.25
N THR B 253 -13.65 -9.66 -33.74
CA THR B 253 -12.70 -10.66 -34.17
C THR B 253 -11.96 -10.22 -35.43
N GLU B 254 -12.67 -9.64 -36.40
CA GLU B 254 -12.01 -9.09 -37.58
C GLU B 254 -11.12 -7.92 -37.21
N PHE B 255 -11.59 -7.09 -36.29
CA PHE B 255 -10.80 -5.98 -35.77
C PHE B 255 -9.46 -6.48 -35.21
N GLN B 256 -9.53 -7.43 -34.28
CA GLN B 256 -8.33 -7.99 -33.68
C GLN B 256 -7.44 -8.64 -34.73
N THR B 257 -8.03 -9.33 -35.70
CA THR B 257 -7.24 -10.00 -36.73
C THR B 257 -6.46 -8.98 -37.56
N ASN B 258 -7.12 -7.91 -37.98
CA ASN B 258 -6.47 -6.91 -38.80
C ASN B 258 -5.54 -6.00 -38.01
N LEU B 259 -5.64 -6.00 -36.67
CA LEU B 259 -4.86 -5.08 -35.83
C LEU B 259 -3.81 -5.75 -34.96
N VAL B 260 -3.93 -7.05 -34.69
CA VAL B 260 -3.02 -7.75 -33.78
C VAL B 260 -2.20 -8.75 -34.58
N PRO B 261 -1.04 -8.37 -35.15
CA PRO B 261 -0.28 -9.32 -35.99
C PRO B 261 0.24 -10.51 -35.22
N TYR B 262 0.99 -10.26 -34.17
CA TYR B 262 1.61 -11.26 -33.33
C TYR B 262 0.85 -11.39 -32.01
N PRO B 263 0.91 -12.54 -31.34
CA PRO B 263 0.03 -12.74 -30.18
C PRO B 263 0.36 -11.87 -28.98
N ARG B 264 1.59 -11.36 -28.87
CA ARG B 264 1.98 -10.53 -27.74
C ARG B 264 1.83 -9.04 -28.02
N ILE B 265 1.82 -8.63 -29.28
CA ILE B 265 1.77 -7.21 -29.65
C ILE B 265 0.30 -6.88 -29.85
N HIS B 266 -0.38 -6.52 -28.76
CA HIS B 266 -1.80 -6.23 -28.80
C HIS B 266 -2.16 -5.04 -27.91
N PHE B 267 -1.33 -3.99 -27.93
CA PHE B 267 -1.56 -2.79 -27.14
C PHE B 267 -1.56 -1.57 -28.06
N PRO B 268 -2.60 -1.42 -28.88
CA PRO B 268 -2.69 -0.23 -29.75
C PRO B 268 -3.20 0.97 -28.97
N LEU B 269 -2.49 2.08 -29.06
CA LEU B 269 -2.97 3.34 -28.50
C LEU B 269 -4.05 3.90 -29.42
N ALA B 270 -5.05 4.55 -28.84
CA ALA B 270 -6.19 5.04 -29.58
C ALA B 270 -6.07 6.55 -29.79
N THR B 271 -7.04 7.11 -30.52
CA THR B 271 -7.20 8.54 -30.69
C THR B 271 -8.51 8.78 -31.41
N TYR B 272 -9.20 9.84 -31.00
CA TYR B 272 -10.54 10.16 -31.48
C TYR B 272 -10.54 11.57 -32.05
N ALA B 273 -11.34 11.77 -33.10
CA ALA B 273 -11.47 13.07 -33.73
C ALA B 273 -12.77 13.10 -34.49
N PRO B 274 -13.37 14.29 -34.70
CA PRO B 274 -12.95 15.62 -34.26
C PRO B 274 -13.48 15.94 -32.87
N VAL B 275 -12.60 16.41 -31.99
CA VAL B 275 -12.97 16.88 -30.65
C VAL B 275 -12.79 18.38 -30.65
N ILE B 276 -13.90 19.10 -30.73
CA ILE B 276 -13.89 20.57 -30.82
C ILE B 276 -15.17 21.09 -30.20
N SER B 277 -15.09 22.31 -29.66
CA SER B 277 -16.24 22.95 -29.05
C SER B 277 -17.23 23.40 -30.12
N ALA B 278 -18.37 23.91 -29.68
CA ALA B 278 -19.42 24.34 -30.60
C ALA B 278 -19.03 25.63 -31.30
N GLU B 279 -18.44 26.57 -30.55
CA GLU B 279 -18.06 27.85 -31.14
C GLU B 279 -16.97 27.68 -32.19
N LYS B 280 -16.07 26.72 -31.99
CA LYS B 280 -15.03 26.42 -32.96
C LYS B 280 -15.54 25.58 -34.12
N ALA B 281 -16.74 24.99 -34.01
CA ALA B 281 -17.23 24.09 -35.04
C ALA B 281 -17.62 24.82 -36.32
N TYR B 282 -18.23 25.99 -36.20
CA TYR B 282 -18.71 26.71 -37.38
C TYR B 282 -17.55 27.12 -38.28
N HIS B 283 -16.46 27.61 -37.69
CA HIS B 283 -15.35 28.12 -38.48
C HIS B 283 -14.64 27.00 -39.23
N GLU B 284 -14.51 25.83 -38.63
CA GLU B 284 -13.80 24.71 -39.23
C GLU B 284 -14.76 23.82 -39.99
N GLN B 285 -14.43 23.54 -41.25
CA GLN B 285 -15.19 22.61 -42.08
C GLN B 285 -14.60 21.22 -41.84
N LEU B 286 -15.21 20.48 -40.91
CA LEU B 286 -14.68 19.19 -40.51
C LEU B 286 -14.96 18.13 -41.57
N SER B 287 -14.22 18.18 -42.67
CA SER B 287 -14.35 17.19 -43.72
C SER B 287 -13.55 15.96 -43.36
N VAL B 288 -13.62 14.93 -44.21
CA VAL B 288 -12.98 13.66 -43.91
C VAL B 288 -11.47 13.81 -43.86
N ALA B 289 -10.91 14.58 -44.78
CA ALA B 289 -9.45 14.71 -44.87
C ALA B 289 -8.88 15.36 -43.62
N GLU B 290 -9.53 16.41 -43.11
CA GLU B 290 -9.00 17.12 -41.96
C GLU B 290 -9.03 16.25 -40.71
N ILE B 291 -10.15 15.58 -40.46
CA ILE B 291 -10.26 14.74 -39.27
C ILE B 291 -9.34 13.54 -39.39
N THR B 292 -9.10 13.06 -40.61
CA THR B 292 -8.17 11.95 -40.79
C THR B 292 -6.74 12.38 -40.57
N ASN B 293 -6.40 13.61 -40.95
CA ASN B 293 -5.03 14.10 -40.78
C ASN B 293 -4.76 14.47 -39.32
N ALA B 294 -5.77 14.95 -38.60
CA ALA B 294 -5.58 15.38 -37.23
C ALA B 294 -5.24 14.22 -36.31
N CYS B 295 -5.73 13.02 -36.62
CA CYS B 295 -5.50 11.87 -35.74
C CYS B 295 -4.03 11.46 -35.74
N PHE B 296 -3.35 11.60 -36.87
CA PHE B 296 -1.94 11.23 -36.96
C PHE B 296 -1.02 12.23 -36.29
N GLU B 297 -1.52 13.41 -35.93
CA GLU B 297 -0.68 14.41 -35.28
C GLU B 297 -0.24 13.90 -33.92
N PRO B 298 0.99 14.19 -33.47
CA PRO B 298 1.39 13.72 -32.13
C PRO B 298 0.58 14.32 -30.99
N ALA B 299 -0.08 15.46 -31.21
CA ALA B 299 -0.72 16.17 -30.12
C ALA B 299 -2.11 15.64 -29.79
N ASN B 300 -2.76 14.91 -30.69
CA ASN B 300 -4.13 14.46 -30.50
C ASN B 300 -4.23 13.03 -30.01
N GLN B 301 -3.12 12.40 -29.63
CA GLN B 301 -3.17 11.01 -29.22
C GLN B 301 -3.61 10.89 -27.76
N MET B 302 -3.95 9.67 -27.36
CA MET B 302 -4.47 9.39 -26.03
C MET B 302 -3.36 9.15 -25.00
N VAL B 303 -2.10 9.02 -25.43
CA VAL B 303 -1.00 8.65 -24.54
C VAL B 303 0.18 9.54 -24.85
N LYS B 304 0.95 9.88 -23.82
CA LYS B 304 2.13 10.71 -24.00
C LYS B 304 3.23 9.93 -24.70
N CYS B 305 3.25 10.00 -26.02
CA CYS B 305 4.30 9.39 -26.82
C CYS B 305 4.27 9.95 -28.22
N ASP B 306 5.39 10.47 -28.70
CA ASP B 306 5.47 11.02 -30.05
C ASP B 306 5.54 9.91 -31.09
N PRO B 307 4.55 9.74 -31.96
CA PRO B 307 4.64 8.65 -32.95
C PRO B 307 5.78 8.83 -33.94
N ARG B 308 6.33 10.04 -34.08
CA ARG B 308 7.35 10.29 -35.10
C ARG B 308 8.60 9.47 -34.86
N HIS B 309 8.90 9.14 -33.60
CA HIS B 309 10.00 8.25 -33.27
C HIS B 309 9.61 6.77 -33.30
N GLY B 310 8.35 6.45 -33.58
CA GLY B 310 7.89 5.08 -33.73
C GLY B 310 7.39 4.82 -35.14
N LYS B 311 7.07 3.57 -35.44
CA LYS B 311 6.62 3.15 -36.76
C LYS B 311 5.36 2.32 -36.61
N TYR B 312 4.26 2.78 -37.21
CA TYR B 312 3.01 2.07 -37.12
C TYR B 312 3.10 0.74 -37.85
N MET B 313 2.54 -0.31 -37.22
CA MET B 313 2.45 -1.63 -37.83
C MET B 313 1.08 -1.93 -38.39
N ALA B 314 0.02 -1.37 -37.82
CA ALA B 314 -1.34 -1.54 -38.31
C ALA B 314 -2.23 -0.59 -37.54
N CYS B 315 -3.31 -0.15 -38.19
CA CYS B 315 -4.23 0.77 -37.53
C CYS B 315 -5.57 0.72 -38.23
N CYS B 316 -6.64 0.81 -37.44
CA CYS B 316 -8.00 0.71 -37.93
C CYS B 316 -8.68 2.07 -37.85
N LEU B 317 -9.31 2.47 -38.96
CA LEU B 317 -9.98 3.76 -39.07
C LEU B 317 -11.48 3.49 -39.06
N LEU B 318 -12.11 3.72 -37.91
CA LEU B 318 -13.53 3.43 -37.70
C LEU B 318 -14.35 4.69 -37.94
N TYR B 319 -14.43 5.09 -39.20
CA TYR B 319 -15.23 6.24 -39.58
C TYR B 319 -16.70 5.96 -39.30
N ARG B 320 -17.41 6.98 -38.82
CA ARG B 320 -18.85 6.90 -38.60
C ARG B 320 -19.49 8.23 -38.96
N GLY B 321 -20.68 8.15 -39.53
CA GLY B 321 -21.46 9.29 -39.94
C GLY B 321 -21.55 9.43 -41.45
N ASP B 322 -21.71 10.68 -41.89
CA ASP B 322 -21.84 10.98 -43.30
C ASP B 322 -20.48 10.86 -43.99
N VAL B 323 -20.14 9.66 -44.44
CA VAL B 323 -18.86 9.38 -45.08
C VAL B 323 -19.12 8.55 -46.33
N VAL B 324 -18.32 8.80 -47.36
CA VAL B 324 -18.34 8.04 -48.61
C VAL B 324 -16.92 7.51 -48.83
N PRO B 325 -16.72 6.30 -49.40
CA PRO B 325 -15.36 5.76 -49.43
C PRO B 325 -14.37 6.52 -50.30
N LYS B 326 -14.83 7.35 -51.23
CA LYS B 326 -13.91 7.93 -52.21
C LYS B 326 -12.96 8.92 -51.55
N ASP B 327 -13.49 9.85 -50.75
CA ASP B 327 -12.62 10.82 -50.09
C ASP B 327 -11.82 10.14 -48.98
N VAL B 328 -12.34 9.06 -48.42
CA VAL B 328 -11.57 8.24 -47.48
C VAL B 328 -10.31 7.72 -48.15
N ASN B 329 -10.46 7.09 -49.31
CA ASN B 329 -9.30 6.57 -50.02
C ASN B 329 -8.38 7.68 -50.48
N ALA B 330 -8.92 8.84 -50.83
CA ALA B 330 -8.07 9.96 -51.20
C ALA B 330 -7.21 10.42 -50.02
N ALA B 331 -7.85 10.62 -48.86
CA ALA B 331 -7.11 11.00 -47.66
C ALA B 331 -6.09 9.94 -47.27
N ILE B 332 -6.44 8.67 -47.45
CA ILE B 332 -5.50 7.58 -47.19
C ILE B 332 -4.29 7.69 -48.11
N ALA B 333 -4.52 8.02 -49.38
CA ALA B 333 -3.39 8.22 -50.30
C ALA B 333 -2.52 9.36 -49.82
N THR B 334 -3.14 10.47 -49.39
CA THR B 334 -2.37 11.59 -48.86
C THR B 334 -1.51 11.17 -47.67
N ILE B 335 -2.08 10.36 -46.77
CA ILE B 335 -1.32 9.90 -45.61
C ILE B 335 -0.16 9.02 -46.05
N LYS B 336 -0.41 8.08 -46.98
CA LYS B 336 0.65 7.18 -47.41
C LYS B 336 1.74 7.91 -48.17
N THR B 337 1.44 9.08 -48.74
CA THR B 337 2.48 9.87 -49.39
C THR B 337 3.32 10.66 -48.38
N LYS B 338 2.75 11.03 -47.24
CA LYS B 338 3.49 11.78 -46.24
C LYS B 338 4.58 10.91 -45.62
N ARG B 339 5.78 11.48 -45.48
CA ARG B 339 6.93 10.72 -45.01
C ARG B 339 7.05 10.71 -43.50
N SER B 340 6.59 11.78 -42.83
CA SER B 340 6.68 11.83 -41.37
C SER B 340 5.84 10.72 -40.74
N ILE B 341 4.70 10.40 -41.33
CA ILE B 341 3.93 9.23 -40.93
C ILE B 341 4.51 8.04 -41.67
N GLN B 342 5.50 7.41 -41.07
CA GLN B 342 6.23 6.31 -41.70
C GLN B 342 5.77 4.98 -41.10
N PHE B 343 5.57 3.99 -41.96
CA PHE B 343 5.09 2.67 -41.56
C PHE B 343 6.20 1.65 -41.65
N VAL B 344 5.95 0.50 -41.03
CA VAL B 344 6.93 -0.58 -41.01
C VAL B 344 6.93 -1.28 -42.37
N ASP B 345 8.09 -1.84 -42.72
CA ASP B 345 8.26 -2.41 -44.06
C ASP B 345 7.41 -3.66 -44.27
N TRP B 346 7.38 -4.57 -43.31
CA TRP B 346 6.73 -5.85 -43.58
C TRP B 346 5.20 -5.78 -43.61
N CYS B 347 4.56 -4.62 -43.45
CA CYS B 347 3.12 -4.47 -43.61
C CYS B 347 2.86 -3.40 -44.66
N PRO B 348 2.67 -3.77 -45.93
CA PRO B 348 2.44 -2.72 -46.94
C PRO B 348 1.12 -2.01 -46.79
N THR B 349 0.07 -2.70 -46.35
CA THR B 349 -1.26 -2.13 -46.15
C THR B 349 -1.63 -2.31 -44.68
N GLY B 350 -1.43 -1.26 -43.89
CA GLY B 350 -1.69 -1.30 -42.47
C GLY B 350 -2.99 -0.63 -42.07
N PHE B 351 -3.93 -0.51 -43.00
CA PHE B 351 -5.21 0.14 -42.76
C PHE B 351 -6.34 -0.87 -42.88
N LYS B 352 -7.29 -0.76 -41.94
CA LYS B 352 -8.56 -1.49 -41.98
C LYS B 352 -9.65 -0.42 -41.82
N VAL B 353 -10.14 0.08 -42.95
CA VAL B 353 -11.11 1.16 -42.93
C VAL B 353 -12.45 0.62 -42.43
N GLY B 354 -13.18 1.46 -41.68
CA GLY B 354 -14.52 1.15 -41.26
C GLY B 354 -15.44 2.34 -41.37
N ILE B 355 -16.51 2.20 -42.16
CA ILE B 355 -17.52 3.24 -42.31
C ILE B 355 -18.78 2.79 -41.60
N ASN B 356 -19.53 3.76 -41.08
CA ASN B 356 -20.80 3.49 -40.42
C ASN B 356 -21.70 4.69 -40.62
N TYR B 357 -23.01 4.43 -40.72
CA TYR B 357 -23.95 5.50 -41.05
C TYR B 357 -24.27 6.38 -39.84
N GLN B 358 -24.29 5.79 -38.65
CA GLN B 358 -24.73 6.52 -37.46
C GLN B 358 -23.72 7.60 -37.10
N PRO B 359 -24.10 8.88 -37.05
CA PRO B 359 -23.15 9.88 -36.57
C PRO B 359 -23.00 9.83 -35.06
N PRO B 360 -22.00 10.50 -34.50
CA PRO B 360 -21.85 10.49 -33.03
C PRO B 360 -22.86 11.44 -32.40
N THR B 361 -23.46 10.99 -31.30
CA THR B 361 -24.41 11.83 -30.60
C THR B 361 -23.67 12.88 -29.77
N VAL B 362 -24.44 13.61 -28.98
CA VAL B 362 -23.92 14.63 -28.07
C VAL B 362 -24.79 14.62 -26.82
N VAL B 363 -24.16 14.63 -25.66
CA VAL B 363 -24.90 14.53 -24.40
C VAL B 363 -25.30 15.94 -23.95
N PRO B 364 -26.51 16.15 -23.42
CA PRO B 364 -26.82 17.46 -22.83
C PRO B 364 -25.88 17.78 -21.69
N GLY B 365 -25.36 19.01 -21.68
CA GLY B 365 -24.36 19.39 -20.72
C GLY B 365 -22.95 18.97 -21.06
N GLY B 366 -22.74 18.36 -22.23
CA GLY B 366 -21.42 17.92 -22.62
C GLY B 366 -20.60 19.01 -23.26
N ASP B 367 -19.28 18.79 -23.27
CA ASP B 367 -18.34 19.76 -23.80
C ASP B 367 -18.11 19.62 -25.31
N LEU B 368 -18.51 18.51 -25.92
CA LEU B 368 -18.32 18.30 -27.34
C LEU B 368 -19.45 18.93 -28.14
N ALA B 369 -19.19 19.09 -29.44
CA ALA B 369 -20.14 19.69 -30.37
C ALA B 369 -20.79 18.60 -31.24
N LYS B 370 -21.92 18.95 -31.83
CA LYS B 370 -22.64 18.06 -32.73
C LYS B 370 -21.97 18.12 -34.10
N VAL B 371 -21.34 17.00 -34.48
CA VAL B 371 -20.68 16.89 -35.77
C VAL B 371 -21.33 15.76 -36.57
N GLN B 372 -21.06 15.75 -37.87
CA GLN B 372 -21.61 14.76 -38.79
C GLN B 372 -20.62 13.68 -39.19
N ARG B 373 -19.33 13.99 -39.16
CA ARG B 373 -18.27 13.04 -39.46
C ARG B 373 -17.43 12.80 -38.21
N ALA B 374 -16.85 11.60 -38.12
CA ALA B 374 -16.04 11.24 -36.96
C ALA B 374 -15.06 10.14 -37.33
N VAL B 375 -14.02 10.02 -36.50
CA VAL B 375 -12.97 9.02 -36.67
C VAL B 375 -12.58 8.51 -35.31
N CYS B 376 -12.16 7.24 -35.26
CA CYS B 376 -11.53 6.66 -34.08
C CYS B 376 -10.38 5.78 -34.58
N MET B 377 -9.20 6.38 -34.68
CA MET B 377 -8.03 5.66 -35.16
C MET B 377 -7.34 4.99 -33.98
N LEU B 378 -6.86 3.76 -34.21
CA LEU B 378 -6.19 2.97 -33.19
C LEU B 378 -4.88 2.47 -33.77
N SER B 379 -3.81 3.25 -33.56
CA SER B 379 -2.51 2.97 -34.15
C SER B 379 -1.74 2.02 -33.25
N ASN B 380 -1.37 0.87 -33.81
CA ASN B 380 -0.52 -0.10 -33.13
C ASN B 380 0.93 0.24 -33.46
N THR B 381 1.60 0.92 -32.53
CA THR B 381 2.92 1.47 -32.74
C THR B 381 3.88 0.99 -31.66
N THR B 382 5.17 1.25 -31.90
CA THR B 382 6.22 0.97 -30.92
C THR B 382 6.46 2.14 -29.99
N ALA B 383 6.11 3.37 -30.39
CA ALA B 383 6.38 4.56 -29.60
C ALA B 383 5.75 4.52 -28.22
N ILE B 384 4.70 3.73 -28.01
CA ILE B 384 4.11 3.59 -26.68
C ILE B 384 5.10 3.03 -25.67
N ALA B 385 6.04 2.18 -26.12
CA ALA B 385 7.00 1.55 -25.22
C ALA B 385 7.77 2.57 -24.39
N GLU B 386 8.02 3.76 -24.96
CA GLU B 386 8.68 4.84 -24.24
C GLU B 386 8.07 5.07 -22.87
N ALA B 387 6.73 5.11 -22.81
CA ALA B 387 6.04 5.25 -21.53
C ALA B 387 6.50 4.20 -20.54
N TRP B 388 6.43 2.92 -20.94
CA TRP B 388 6.88 1.83 -20.07
C TRP B 388 8.31 2.08 -19.60
N ALA B 389 9.18 2.55 -20.50
CA ALA B 389 10.56 2.81 -20.13
C ALA B 389 10.61 3.77 -18.95
N ARG B 390 9.97 4.94 -19.10
CA ARG B 390 10.00 5.89 -17.99
C ARG B 390 9.25 5.33 -16.80
N LEU B 391 8.19 4.56 -17.04
CA LEU B 391 7.52 3.88 -15.93
C LEU B 391 8.49 2.96 -15.23
N ASP B 392 9.21 2.13 -15.99
CA ASP B 392 10.21 1.25 -15.40
C ASP B 392 11.25 2.05 -14.64
N HIS B 393 11.63 3.21 -15.19
CA HIS B 393 12.59 4.07 -14.49
C HIS B 393 12.07 4.41 -13.11
N LYS B 394 10.82 4.88 -13.03
CA LYS B 394 10.20 5.15 -11.75
C LYS B 394 10.23 3.92 -10.87
N PHE B 395 9.87 2.76 -11.43
CA PHE B 395 9.87 1.53 -10.67
C PHE B 395 11.25 1.23 -10.11
N ASP B 396 12.28 1.45 -10.92
CA ASP B 396 13.64 1.22 -10.43
C ASP B 396 13.94 2.12 -9.25
N LEU B 397 13.57 3.39 -9.33
CA LEU B 397 13.83 4.31 -8.23
C LEU B 397 13.02 3.91 -7.00
N MET B 398 11.91 3.20 -7.19
CA MET B 398 11.15 2.71 -6.05
C MET B 398 11.75 1.40 -5.55
N TYR B 399 12.35 0.61 -6.44
CA TYR B 399 12.64 -0.78 -6.12
C TYR B 399 13.97 -0.95 -5.39
N ALA B 400 15.00 -0.22 -5.80
CA ALA B 400 16.31 -0.40 -5.21
C ALA B 400 16.32 -0.03 -3.73
N LYS B 401 15.49 0.94 -3.34
CA LYS B 401 15.40 1.38 -1.95
C LYS B 401 14.26 0.73 -1.19
N ARG B 402 13.43 -0.09 -1.85
CA ARG B 402 12.39 -0.87 -1.20
C ARG B 402 11.33 -0.01 -0.54
N ALA B 403 10.91 1.07 -1.19
CA ALA B 403 9.83 1.89 -0.67
C ALA B 403 8.51 1.17 -0.82
N PHE B 404 7.73 1.14 0.27
CA PHE B 404 6.37 0.62 0.30
C PHE B 404 6.29 -0.88 0.04
N VAL B 405 7.41 -1.59 0.06
CA VAL B 405 7.37 -3.02 -0.25
C VAL B 405 6.67 -3.79 0.85
N HIS B 406 6.94 -3.44 2.11
CA HIS B 406 6.46 -4.25 3.22
C HIS B 406 4.94 -4.27 3.31
N TRP B 407 4.27 -3.23 2.79
CA TRP B 407 2.81 -3.25 2.75
C TRP B 407 2.30 -4.38 1.86
N TYR B 408 2.87 -4.51 0.67
CA TYR B 408 2.45 -5.57 -0.24
C TYR B 408 2.91 -6.93 0.28
N VAL B 409 4.10 -6.98 0.86
CA VAL B 409 4.60 -8.24 1.41
C VAL B 409 3.71 -8.72 2.55
N GLY B 410 3.13 -7.78 3.29
CA GLY B 410 2.29 -8.13 4.43
C GLY B 410 0.92 -8.64 4.08
N GLU B 411 0.61 -8.78 2.79
CA GLU B 411 -0.66 -9.32 2.32
C GLU B 411 -0.50 -10.52 1.40
N GLY B 412 0.70 -11.10 1.32
CA GLY B 412 0.96 -12.31 0.56
C GLY B 412 1.97 -12.17 -0.54
N MET B 413 2.19 -10.95 -1.05
CA MET B 413 3.07 -10.74 -2.19
C MET B 413 4.52 -11.00 -1.79
N GLU B 414 5.37 -11.22 -2.79
CA GLU B 414 6.77 -11.54 -2.58
C GLU B 414 7.66 -10.73 -3.51
N GLU B 415 8.95 -10.69 -3.17
CA GLU B 415 9.94 -10.03 -4.00
C GLU B 415 10.04 -10.67 -5.38
N GLY B 416 9.89 -12.00 -5.44
CA GLY B 416 10.03 -12.70 -6.69
C GLY B 416 9.02 -12.26 -7.73
N GLU B 417 7.82 -11.86 -7.28
CA GLU B 417 6.82 -11.39 -8.23
C GLU B 417 7.24 -10.05 -8.82
N PHE B 418 7.83 -9.17 -8.01
CA PHE B 418 8.36 -7.91 -8.54
C PHE B 418 9.43 -8.18 -9.59
N SER B 419 10.39 -9.06 -9.25
CA SER B 419 11.47 -9.36 -10.18
C SER B 419 10.94 -9.94 -11.48
N GLU B 420 10.00 -10.90 -11.39
CA GLU B 420 9.47 -11.54 -12.58
C GLU B 420 8.69 -10.55 -13.44
N ALA B 421 7.90 -9.68 -12.81
CA ALA B 421 7.13 -8.70 -13.58
C ALA B 421 8.05 -7.72 -14.29
N ARG B 422 9.12 -7.29 -13.62
CA ARG B 422 10.08 -6.39 -14.26
C ARG B 422 10.76 -7.09 -15.44
N GLU B 423 11.17 -8.33 -15.25
CA GLU B 423 11.78 -9.09 -16.34
C GLU B 423 10.82 -9.23 -17.51
N ASP B 424 9.54 -9.44 -17.23
CA ASP B 424 8.57 -9.63 -18.29
C ASP B 424 8.32 -8.35 -19.06
N MET B 425 8.24 -7.21 -18.35
CA MET B 425 8.11 -5.92 -19.04
C MET B 425 9.34 -5.64 -19.88
N ALA B 426 10.53 -6.01 -19.38
CA ALA B 426 11.74 -5.85 -20.18
C ALA B 426 11.67 -6.67 -21.45
N ALA B 427 11.22 -7.92 -21.35
CA ALA B 427 11.08 -8.77 -22.53
C ALA B 427 10.06 -8.19 -23.50
N LEU B 428 9.01 -7.58 -22.99
CA LEU B 428 7.99 -7.00 -23.87
C LEU B 428 8.54 -5.81 -24.63
N GLU B 429 9.24 -4.91 -23.93
CA GLU B 429 9.89 -3.79 -24.61
C GLU B 429 10.91 -4.29 -25.63
N LYS B 430 11.61 -5.38 -25.30
CA LYS B 430 12.53 -5.99 -26.25
C LYS B 430 11.80 -6.46 -27.50
N ASP B 431 10.61 -7.06 -27.32
CA ASP B 431 9.84 -7.53 -28.46
C ASP B 431 9.42 -6.37 -29.36
N TYR B 432 8.91 -5.29 -28.75
CA TYR B 432 8.53 -4.12 -29.56
C TYR B 432 9.74 -3.54 -30.28
N GLU B 433 10.89 -3.52 -29.61
CA GLU B 433 12.09 -2.98 -30.25
C GLU B 433 12.60 -3.88 -31.36
N GLU B 434 12.34 -5.19 -31.27
CA GLU B 434 12.75 -6.10 -32.33
C GLU B 434 11.86 -5.97 -33.55
N VAL B 435 10.54 -5.98 -33.35
CA VAL B 435 9.63 -5.95 -34.50
C VAL B 435 9.63 -4.60 -35.21
N GLY B 436 10.22 -3.56 -34.63
CA GLY B 436 10.27 -2.27 -35.30
C GLY B 436 11.02 -2.32 -36.62
N VAL B 437 12.22 -2.88 -36.62
CA VAL B 437 12.98 -3.05 -37.85
C VAL B 437 12.38 -4.18 -38.68
N ASN C 1 32.20 -10.55 7.24
CA ASN C 1 31.11 -10.18 6.36
C ASN C 1 30.16 -11.35 6.13
N ILE C 2 29.15 -11.14 5.29
CA ILE C 2 28.13 -12.14 5.00
C ILE C 2 28.57 -12.94 3.79
N LYS C 3 28.22 -14.23 3.79
CA LYS C 3 28.56 -15.13 2.69
C LYS C 3 27.43 -16.14 2.54
N VAL C 4 26.77 -16.12 1.40
CA VAL C 4 25.69 -17.06 1.10
C VAL C 4 26.31 -18.32 0.50
N MET C 5 25.80 -19.47 0.91
CA MET C 5 26.30 -20.75 0.40
C MET C 5 25.08 -21.64 0.13
N CYS C 6 24.72 -21.74 -1.14
CA CYS C 6 23.52 -22.47 -1.54
C CYS C 6 23.81 -23.95 -1.64
N ARG C 7 22.77 -24.76 -1.46
CA ARG C 7 22.85 -26.21 -1.62
C ARG C 7 21.71 -26.70 -2.49
N PHE C 8 22.02 -27.65 -3.37
CA PHE C 8 21.02 -28.38 -4.14
C PHE C 8 21.09 -29.84 -3.71
N ARG C 9 19.97 -30.38 -3.23
CA ARG C 9 19.96 -31.74 -2.74
C ARG C 9 19.84 -32.73 -3.91
N PRO C 10 20.11 -34.01 -3.67
CA PRO C 10 19.85 -35.01 -4.72
C PRO C 10 18.35 -35.16 -4.98
N LEU C 11 18.05 -35.79 -6.10
CA LEU C 11 16.67 -36.16 -6.40
C LEU C 11 16.31 -37.45 -5.66
N ASN C 12 15.04 -37.55 -5.29
CA ASN C 12 14.51 -38.71 -4.58
C ASN C 12 13.65 -39.55 -5.52
N GLU C 13 13.59 -40.85 -5.22
CA GLU C 13 12.90 -41.80 -6.10
C GLU C 13 11.40 -41.51 -6.22
N SER C 14 10.82 -40.73 -5.30
CA SER C 14 9.39 -40.43 -5.35
C SER C 14 9.01 -39.73 -6.65
N GLU C 15 9.92 -38.95 -7.23
CA GLU C 15 9.66 -38.19 -8.44
C GLU C 15 10.51 -38.62 -9.63
N VAL C 16 11.36 -39.65 -9.47
CA VAL C 16 12.05 -40.20 -10.63
C VAL C 16 11.05 -40.85 -11.57
N ASN C 17 10.09 -41.60 -11.00
CA ASN C 17 8.99 -42.13 -11.79
C ASN C 17 8.05 -41.06 -12.29
N ARG C 18 8.00 -39.91 -11.62
CA ARG C 18 7.16 -38.79 -12.05
C ARG C 18 7.62 -38.19 -13.37
N GLY C 19 8.87 -38.40 -13.76
CA GLY C 19 9.38 -37.86 -15.00
C GLY C 19 9.91 -36.45 -14.91
N ASP C 20 10.31 -36.01 -13.73
CA ASP C 20 10.88 -34.67 -13.58
C ASP C 20 12.31 -34.63 -14.10
N LYS C 21 12.74 -33.44 -14.49
CA LYS C 21 14.06 -33.21 -15.06
C LYS C 21 14.93 -32.43 -14.09
N TYR C 22 16.24 -32.62 -14.20
CA TYR C 22 17.22 -31.87 -13.42
C TYR C 22 17.50 -30.58 -14.17
N ILE C 23 16.89 -29.49 -13.72
CA ILE C 23 16.91 -28.23 -14.43
C ILE C 23 17.81 -27.20 -13.74
N ALA C 24 18.79 -27.66 -12.95
CA ALA C 24 19.72 -26.79 -12.23
C ALA C 24 21.06 -26.83 -12.94
N LYS C 25 21.37 -25.77 -13.69
CA LYS C 25 22.61 -25.71 -14.42
C LYS C 25 23.65 -24.94 -13.61
N PHE C 26 24.93 -25.22 -13.88
CA PHE C 26 26.03 -24.68 -13.11
C PHE C 26 27.00 -23.92 -14.01
N GLN C 27 27.77 -23.04 -13.40
CA GLN C 27 28.88 -22.36 -14.07
C GLN C 27 29.97 -22.09 -13.05
N GLY C 28 31.20 -22.47 -13.37
CA GLY C 28 32.28 -22.35 -12.40
C GLY C 28 32.00 -23.22 -11.21
N GLU C 29 32.08 -22.62 -10.01
CA GLU C 29 31.74 -23.31 -8.77
C GLU C 29 30.96 -22.43 -7.81
N ASP C 30 30.52 -21.24 -8.24
CA ASP C 30 29.81 -20.30 -7.36
C ASP C 30 28.65 -19.61 -8.07
N THR C 31 28.19 -20.11 -9.22
CA THR C 31 27.11 -19.49 -9.97
C THR C 31 26.20 -20.57 -10.53
N VAL C 32 24.90 -20.37 -10.38
CA VAL C 32 23.89 -21.28 -10.92
C VAL C 32 23.21 -20.58 -12.09
N VAL C 33 22.66 -21.38 -12.99
CA VAL C 33 21.80 -20.89 -14.06
C VAL C 33 20.48 -21.65 -13.99
N ILE C 34 19.38 -20.90 -13.93
CA ILE C 34 18.02 -21.42 -13.85
C ILE C 34 17.17 -20.65 -14.85
N ALA C 35 16.36 -21.38 -15.63
CA ALA C 35 15.46 -20.77 -16.60
C ALA C 35 16.20 -19.85 -17.56
N SER C 36 17.42 -20.24 -17.93
CA SER C 36 18.27 -19.44 -18.82
C SER C 36 18.55 -18.06 -18.22
N LYS C 37 18.77 -17.99 -16.91
CA LYS C 37 19.22 -16.78 -16.25
C LYS C 37 20.23 -17.13 -15.17
N PRO C 38 21.34 -16.37 -15.02
CA PRO C 38 22.31 -16.70 -13.98
C PRO C 38 22.01 -16.03 -12.65
N TYR C 39 22.13 -16.80 -11.56
CA TYR C 39 22.08 -16.30 -10.19
C TYR C 39 23.44 -16.57 -9.57
N ALA C 40 24.08 -15.51 -9.10
CA ALA C 40 25.41 -15.61 -8.50
C ALA C 40 25.31 -15.89 -7.00
N PHE C 41 26.33 -16.56 -6.49
CA PHE C 41 26.47 -16.83 -5.08
C PHE C 41 27.97 -16.80 -4.76
N ASP C 42 28.34 -17.25 -3.56
CA ASP C 42 29.73 -17.48 -3.20
C ASP C 42 30.13 -18.93 -3.33
N ARG C 43 29.24 -19.85 -2.94
CA ARG C 43 29.46 -21.28 -3.12
C ARG C 43 28.13 -21.94 -3.45
N VAL C 44 28.16 -22.87 -4.40
CA VAL C 44 26.98 -23.62 -4.81
C VAL C 44 27.26 -25.10 -4.65
N PHE C 45 26.91 -25.65 -3.49
CA PHE C 45 27.19 -27.04 -3.19
C PHE C 45 26.16 -27.96 -3.82
N GLN C 46 26.63 -29.09 -4.31
CA GLN C 46 25.88 -29.92 -5.24
C GLN C 46 25.25 -31.10 -4.52
N SER C 47 24.49 -31.88 -5.29
CA SER C 47 23.87 -33.09 -4.76
C SER C 47 24.91 -34.12 -4.32
N SER C 48 26.08 -34.14 -4.95
CA SER C 48 27.07 -35.16 -4.66
C SER C 48 27.87 -34.84 -3.40
N THR C 49 28.11 -33.57 -3.11
CA THR C 49 28.91 -33.20 -1.94
C THR C 49 28.16 -33.54 -0.67
N SER C 50 28.83 -34.23 0.25
CA SER C 50 28.21 -34.67 1.48
C SER C 50 28.18 -33.53 2.50
N GLN C 51 27.77 -33.86 3.72
CA GLN C 51 27.64 -32.85 4.76
C GLN C 51 29.00 -32.35 5.25
N GLU C 52 30.05 -33.15 5.09
CA GLU C 52 31.33 -32.83 5.70
C GLU C 52 31.94 -31.57 5.08
N GLN C 53 31.99 -31.51 3.75
CA GLN C 53 32.61 -30.36 3.10
C GLN C 53 31.76 -29.11 3.25
N VAL C 54 30.44 -29.26 3.15
CA VAL C 54 29.54 -28.13 3.36
C VAL C 54 29.74 -27.56 4.76
N TYR C 55 29.84 -28.43 5.75
CA TYR C 55 30.07 -27.99 7.13
C TYR C 55 31.42 -27.28 7.24
N ASN C 56 32.48 -27.89 6.71
CA ASN C 56 33.81 -27.33 6.85
C ASN C 56 33.92 -25.97 6.17
N ASP C 57 33.16 -25.76 5.09
CA ASP C 57 33.22 -24.52 4.34
C ASP C 57 32.27 -23.46 4.88
N ALA C 58 31.19 -23.83 5.56
CA ALA C 58 30.19 -22.89 6.04
C ALA C 58 30.32 -22.57 7.53
N ALA C 59 30.31 -23.58 8.40
CA ALA C 59 30.16 -23.36 9.83
C ALA C 59 31.48 -23.42 10.60
N LYS C 60 32.59 -23.80 9.99
CA LYS C 60 33.83 -23.97 10.74
C LYS C 60 34.37 -22.62 11.21
N LYS C 61 34.46 -21.64 10.30
CA LYS C 61 35.03 -20.35 10.66
C LYS C 61 34.17 -19.64 11.70
N ILE C 62 32.85 -19.83 11.63
CA ILE C 62 31.95 -19.21 12.61
C ILE C 62 32.27 -19.72 14.01
N VAL C 63 32.36 -21.04 14.16
CA VAL C 63 32.67 -21.61 15.47
C VAL C 63 34.09 -21.23 15.90
N LYS C 64 35.01 -21.15 14.94
CA LYS C 64 36.38 -20.76 15.26
C LYS C 64 36.44 -19.35 15.81
N ASP C 65 35.57 -18.46 15.30
CA ASP C 65 35.57 -17.07 15.74
C ASP C 65 34.78 -16.88 17.04
N VAL C 66 33.65 -17.55 17.21
CA VAL C 66 32.83 -17.36 18.39
C VAL C 66 33.52 -17.90 19.64
N LEU C 67 34.35 -18.94 19.50
CA LEU C 67 35.11 -19.42 20.64
C LEU C 67 36.12 -18.39 21.13
N GLU C 68 36.47 -17.41 20.32
CA GLU C 68 37.37 -16.32 20.70
C GLU C 68 36.59 -15.08 21.14
N GLY C 69 35.41 -15.27 21.73
CA GLY C 69 34.63 -14.17 22.27
C GLY C 69 33.75 -13.44 21.27
N TYR C 70 33.96 -13.64 19.97
CA TYR C 70 33.16 -12.96 18.96
C TYR C 70 31.77 -13.59 18.90
N ASN C 71 30.93 -13.11 17.99
CA ASN C 71 29.57 -13.60 17.82
C ASN C 71 29.38 -14.06 16.38
N GLY C 72 28.57 -15.12 16.22
CA GLY C 72 28.30 -15.68 14.91
C GLY C 72 26.82 -15.94 14.75
N THR C 73 26.44 -16.30 13.52
CA THR C 73 25.04 -16.48 13.17
C THR C 73 24.94 -17.33 11.91
N ILE C 74 23.91 -18.16 11.87
CA ILE C 74 23.61 -19.01 10.71
C ILE C 74 22.13 -18.91 10.41
N PHE C 75 21.80 -18.83 9.11
CA PHE C 75 20.42 -18.74 8.62
C PHE C 75 20.12 -19.95 7.75
N ALA C 76 19.28 -20.85 8.23
CA ALA C 76 18.73 -21.92 7.42
C ALA C 76 17.42 -21.47 6.79
N TYR C 77 17.15 -21.97 5.59
CA TYR C 77 15.97 -21.52 4.85
C TYR C 77 15.67 -22.50 3.73
N GLY C 78 14.39 -22.66 3.42
CA GLY C 78 13.97 -23.54 2.35
C GLY C 78 12.50 -23.88 2.41
N GLN C 79 11.94 -24.30 1.28
CA GLN C 79 10.56 -24.75 1.23
C GLN C 79 10.49 -26.21 1.68
N THR C 80 9.26 -26.75 1.69
CA THR C 80 9.07 -28.15 2.06
C THR C 80 9.71 -29.04 1.02
N SER C 81 10.29 -30.16 1.48
CA SER C 81 10.98 -31.12 0.62
C SER C 81 12.13 -30.45 -0.13
N SER C 82 12.85 -29.57 0.55
CA SER C 82 13.99 -28.86 -0.01
C SER C 82 15.32 -29.29 0.57
N GLY C 83 15.33 -30.07 1.65
CA GLY C 83 16.55 -30.56 2.25
C GLY C 83 16.93 -29.89 3.57
N LYS C 84 16.00 -29.21 4.23
CA LYS C 84 16.31 -28.56 5.50
C LYS C 84 16.61 -29.58 6.58
N THR C 85 15.69 -30.52 6.79
CA THR C 85 15.86 -31.52 7.83
C THR C 85 17.09 -32.38 7.57
N HIS C 86 17.40 -32.62 6.30
CA HIS C 86 18.57 -33.41 5.96
C HIS C 86 19.85 -32.65 6.22
N THR C 87 19.87 -31.36 5.88
CA THR C 87 21.10 -30.59 5.94
C THR C 87 21.42 -30.12 7.35
N MET C 88 20.39 -29.74 8.13
CA MET C 88 20.64 -29.11 9.42
C MET C 88 20.93 -30.14 10.50
N GLU C 89 20.12 -31.20 10.57
CA GLU C 89 20.35 -32.32 11.47
C GLU C 89 20.56 -33.63 10.74
N GLY C 90 19.68 -33.98 9.79
CA GLY C 90 19.82 -35.21 9.04
C GLY C 90 19.92 -36.42 9.93
N LYS C 91 21.01 -37.18 9.78
CA LYS C 91 21.29 -38.28 10.69
C LYS C 91 21.52 -37.73 12.09
N LEU C 92 21.08 -38.49 13.09
CA LEU C 92 21.19 -38.05 14.47
C LEU C 92 22.54 -38.44 15.08
N HIS C 93 22.88 -39.73 14.98
CA HIS C 93 24.08 -40.28 15.63
C HIS C 93 25.18 -40.66 14.65
N ASP C 94 24.89 -40.73 13.35
CA ASP C 94 25.88 -41.16 12.38
C ASP C 94 26.93 -40.06 12.18
N PRO C 95 28.21 -40.30 12.42
CA PRO C 95 29.22 -39.28 12.12
C PRO C 95 29.62 -39.18 10.66
N GLU C 96 28.93 -39.86 9.76
CA GLU C 96 29.30 -39.88 8.34
C GLU C 96 28.69 -38.70 7.59
N GLY C 97 27.36 -38.60 7.57
CA GLY C 97 26.66 -37.60 6.80
C GLY C 97 25.56 -36.89 7.58
N MET C 98 25.78 -36.67 8.86
CA MET C 98 24.78 -35.98 9.67
C MET C 98 24.81 -34.48 9.39
N GLY C 99 23.82 -33.78 9.93
CA GLY C 99 23.61 -32.38 9.64
C GLY C 99 24.69 -31.44 10.16
N ILE C 100 24.33 -30.17 10.33
CA ILE C 100 25.29 -29.13 10.69
C ILE C 100 25.23 -28.86 12.19
N ILE C 101 24.03 -28.73 12.73
CA ILE C 101 23.84 -28.37 14.14
C ILE C 101 24.50 -29.41 15.05
N PRO C 102 24.30 -30.72 14.85
CA PRO C 102 25.03 -31.68 15.70
C PRO C 102 26.53 -31.56 15.55
N ARG C 103 27.02 -31.22 14.36
CA ARG C 103 28.46 -31.06 14.17
C ARG C 103 28.98 -29.85 14.93
N ILE C 104 28.21 -28.75 14.94
CA ILE C 104 28.61 -27.58 15.72
C ILE C 104 28.66 -27.94 17.21
N VAL C 105 27.62 -28.63 17.69
CA VAL C 105 27.56 -28.98 19.10
C VAL C 105 28.72 -29.89 19.50
N GLN C 106 28.99 -30.90 18.67
CA GLN C 106 30.09 -31.81 18.98
C GLN C 106 31.44 -31.13 18.88
N ASP C 107 31.61 -30.20 17.94
CA ASP C 107 32.87 -29.46 17.88
C ASP C 107 33.05 -28.58 19.10
N ILE C 108 31.97 -28.00 19.61
CA ILE C 108 32.07 -27.22 20.86
C ILE C 108 32.49 -28.12 22.00
N PHE C 109 31.80 -29.26 22.17
CA PHE C 109 32.13 -30.15 23.28
C PHE C 109 33.47 -30.86 23.11
N ASN C 110 34.01 -30.92 21.89
CA ASN C 110 35.33 -31.49 21.65
C ASN C 110 36.45 -30.47 21.79
N TYR C 111 36.16 -29.18 21.55
CA TYR C 111 37.09 -28.12 21.86
C TYR C 111 37.20 -27.87 23.35
N ILE C 112 36.07 -27.92 24.06
CA ILE C 112 36.09 -27.69 25.51
C ILE C 112 36.92 -28.75 26.21
N TYR C 113 36.92 -29.98 25.72
CA TYR C 113 37.68 -31.07 26.31
C TYR C 113 39.11 -31.16 25.77
N SER C 114 39.65 -30.05 25.26
CA SER C 114 41.05 -29.98 24.82
C SER C 114 41.77 -28.76 25.41
N MET C 115 41.16 -28.07 26.37
CA MET C 115 41.67 -26.83 26.91
C MET C 115 42.32 -27.08 28.27
N ASP C 116 42.75 -26.01 28.92
CA ASP C 116 43.35 -26.07 30.25
C ASP C 116 42.26 -26.23 31.31
N GLU C 117 42.65 -26.80 32.44
CA GLU C 117 41.71 -27.04 33.54
C GLU C 117 41.24 -25.75 34.21
N ASN C 118 41.95 -24.63 34.00
CA ASN C 118 41.61 -23.36 34.64
C ASN C 118 40.62 -22.53 33.82
N LEU C 119 39.79 -23.18 33.00
CA LEU C 119 38.83 -22.49 32.15
C LEU C 119 37.48 -23.18 32.31
N GLU C 120 36.55 -22.51 32.98
CA GLU C 120 35.18 -23.01 33.14
C GLU C 120 34.36 -22.51 31.97
N PHE C 121 34.19 -23.38 30.96
CA PHE C 121 33.42 -23.04 29.77
C PHE C 121 31.95 -23.31 30.06
N HIS C 122 31.24 -22.29 30.55
CA HIS C 122 29.81 -22.42 30.76
C HIS C 122 29.11 -22.38 29.41
N ILE C 123 28.14 -23.27 29.24
CA ILE C 123 27.44 -23.44 27.96
C ILE C 123 25.95 -23.31 28.26
N LYS C 124 25.40 -22.13 27.98
CA LYS C 124 23.97 -21.90 28.06
C LYS C 124 23.38 -22.06 26.68
N VAL C 125 22.11 -22.46 26.61
CA VAL C 125 21.41 -22.60 25.35
C VAL C 125 19.97 -22.15 25.55
N SER C 126 19.45 -21.44 24.55
CA SER C 126 18.05 -21.03 24.52
C SER C 126 17.46 -21.48 23.19
N TYR C 127 16.13 -21.64 23.16
CA TYR C 127 15.44 -22.12 21.97
C TYR C 127 14.04 -21.54 21.99
N PHE C 128 13.79 -20.55 21.12
CA PHE C 128 12.52 -19.85 21.12
C PHE C 128 12.11 -19.52 19.68
N GLU C 129 10.81 -19.45 19.46
CA GLU C 129 10.25 -19.26 18.13
C GLU C 129 9.66 -17.86 18.00
N ILE C 130 9.28 -17.52 16.77
CA ILE C 130 8.62 -16.26 16.45
C ILE C 130 7.39 -16.57 15.61
N TYR C 131 6.22 -16.46 16.24
CA TYR C 131 4.97 -16.94 15.66
C TYR C 131 3.94 -15.81 15.72
N LEU C 132 3.45 -15.40 14.54
CA LEU C 132 2.46 -14.32 14.43
C LEU C 132 2.97 -13.04 15.07
N ASP C 133 4.28 -12.78 14.91
CA ASP C 133 4.99 -11.64 15.48
C ASP C 133 5.18 -11.77 16.99
N LYS C 134 4.72 -12.85 17.62
CA LYS C 134 4.85 -13.06 19.05
C LYS C 134 6.03 -13.99 19.30
N ILE C 135 6.86 -13.63 20.27
CA ILE C 135 8.02 -14.44 20.63
C ILE C 135 7.55 -15.44 21.68
N ARG C 136 7.07 -16.58 21.22
CA ARG C 136 6.75 -17.68 22.13
C ARG C 136 8.06 -18.29 22.66
N ASP C 137 7.90 -19.26 23.55
CA ASP C 137 9.02 -20.01 24.10
C ASP C 137 8.68 -21.49 24.04
N LEU C 138 9.55 -22.28 23.44
CA LEU C 138 9.32 -23.70 23.26
C LEU C 138 9.83 -24.54 24.43
N LEU C 139 10.35 -23.90 25.48
CA LEU C 139 10.70 -24.58 26.72
C LEU C 139 9.75 -24.20 27.85
N ASP C 140 8.61 -23.59 27.52
CA ASP C 140 7.63 -23.18 28.52
C ASP C 140 6.32 -22.90 27.83
N VAL C 141 5.23 -23.44 28.39
CA VAL C 141 3.89 -23.25 27.82
C VAL C 141 3.24 -21.96 28.26
N SER C 142 3.74 -21.31 29.31
CA SER C 142 3.16 -20.07 29.81
C SER C 142 3.76 -18.85 29.11
N LYS C 143 5.09 -18.83 28.95
CA LYS C 143 5.78 -17.70 28.35
C LYS C 143 5.56 -17.74 26.84
N THR C 144 4.39 -17.22 26.44
CA THR C 144 3.96 -17.24 25.05
C THR C 144 4.03 -15.89 24.36
N ASN C 145 4.25 -14.81 25.10
CA ASN C 145 4.30 -13.45 24.56
C ASN C 145 5.50 -12.70 25.13
N LEU C 146 6.66 -13.35 25.07
CA LEU C 146 7.89 -12.71 25.54
C LEU C 146 8.19 -11.46 24.73
N SER C 147 9.11 -10.66 25.25
CA SER C 147 9.51 -9.40 24.65
C SER C 147 11.03 -9.26 24.69
N VAL C 148 11.51 -8.22 24.01
CA VAL C 148 12.93 -7.96 23.84
C VAL C 148 13.30 -6.77 24.71
N HIS C 149 14.51 -6.81 25.26
CA HIS C 149 15.06 -5.70 26.04
C HIS C 149 16.56 -5.65 25.77
N GLU C 150 17.17 -4.52 26.10
CA GLU C 150 18.58 -4.28 25.88
C GLU C 150 19.33 -4.37 27.20
N ASP C 151 20.64 -4.16 27.13
CA ASP C 151 21.50 -4.08 28.30
C ASP C 151 22.36 -2.82 28.18
N LYS C 152 23.26 -2.63 29.14
CA LYS C 152 24.06 -1.40 29.19
C LYS C 152 24.94 -1.22 27.96
N ASN C 153 25.30 -2.31 27.29
CA ASN C 153 26.19 -2.26 26.13
C ASN C 153 25.43 -2.36 24.81
N ARG C 154 24.12 -2.10 24.81
CA ARG C 154 23.30 -2.11 23.60
C ARG C 154 23.35 -3.49 22.91
N VAL C 155 23.06 -4.52 23.67
CA VAL C 155 23.05 -5.90 23.18
C VAL C 155 21.67 -6.49 23.47
N PRO C 156 20.74 -6.43 22.52
CA PRO C 156 19.38 -6.94 22.78
C PRO C 156 19.35 -8.41 23.12
N TYR C 157 18.26 -8.81 23.77
CA TYR C 157 18.05 -10.17 24.21
C TYR C 157 16.61 -10.30 24.69
N VAL C 158 16.08 -11.53 24.64
CA VAL C 158 14.72 -11.76 25.12
C VAL C 158 14.71 -11.73 26.63
N LYS C 159 13.79 -10.96 27.20
CA LYS C 159 13.63 -10.86 28.65
C LYS C 159 12.66 -11.94 29.10
N GLY C 160 13.15 -12.88 29.89
CA GLY C 160 12.37 -14.01 30.33
C GLY C 160 12.65 -15.30 29.59
N ALA C 161 13.74 -15.37 28.83
CA ALA C 161 14.05 -16.57 28.07
C ALA C 161 14.34 -17.73 29.02
N THR C 162 13.75 -18.89 28.70
CA THR C 162 13.93 -20.08 29.53
C THR C 162 15.29 -20.70 29.19
N GLU C 163 16.33 -20.08 29.72
CA GLU C 163 17.68 -20.60 29.54
C GLU C 163 17.84 -21.93 30.24
N ARG C 164 18.81 -22.73 29.77
CA ARG C 164 19.05 -24.05 30.31
C ARG C 164 20.52 -24.39 30.11
N PHE C 165 21.16 -24.85 31.19
CA PHE C 165 22.56 -25.28 31.10
C PHE C 165 22.65 -26.64 30.45
N VAL C 166 23.84 -26.95 29.93
CA VAL C 166 24.11 -28.25 29.32
C VAL C 166 25.56 -28.61 29.60
N SER C 167 25.86 -29.91 29.55
CA SER C 167 27.22 -30.39 29.76
C SER C 167 27.60 -31.53 28.83
N SER C 168 26.81 -31.81 27.78
CA SER C 168 27.16 -32.86 26.84
C SER C 168 26.30 -32.69 25.59
N PRO C 169 26.69 -33.29 24.46
CA PRO C 169 25.83 -33.18 23.25
C PRO C 169 24.47 -33.79 23.43
N ASP C 170 24.35 -34.89 24.20
CA ASP C 170 23.06 -35.57 24.33
C ASP C 170 22.04 -34.68 25.01
N GLU C 171 22.47 -33.88 26.00
CA GLU C 171 21.56 -32.94 26.63
C GLU C 171 21.10 -31.88 25.63
N VAL C 172 21.99 -31.43 24.75
CA VAL C 172 21.62 -30.46 23.74
C VAL C 172 20.59 -31.04 22.78
N MET C 173 20.81 -32.29 22.36
CA MET C 173 19.85 -32.94 21.46
C MET C 173 18.50 -33.12 22.14
N ASP C 174 18.51 -33.51 23.42
CA ASP C 174 17.26 -33.68 24.14
C ASP C 174 16.52 -32.37 24.27
N THR C 175 17.25 -31.28 24.53
CA THR C 175 16.61 -29.96 24.63
C THR C 175 16.02 -29.55 23.29
N ILE C 176 16.76 -29.77 22.20
CA ILE C 176 16.27 -29.42 20.87
C ILE C 176 15.00 -30.21 20.55
N ASP C 177 14.99 -31.49 20.91
CA ASP C 177 13.82 -32.31 20.61
C ASP C 177 12.63 -31.87 21.45
N GLU C 178 12.85 -31.59 22.74
CA GLU C 178 11.77 -31.12 23.60
C GLU C 178 11.21 -29.80 23.10
N GLY C 179 12.06 -28.93 22.55
CA GLY C 179 11.57 -27.69 22.01
C GLY C 179 10.80 -27.88 20.71
N LYS C 180 11.33 -28.72 19.82
CA LYS C 180 10.66 -28.98 18.55
C LYS C 180 9.36 -29.75 18.73
N SER C 181 9.16 -30.39 19.88
CA SER C 181 7.88 -31.04 20.15
C SER C 181 6.73 -30.04 20.12
N ASN C 182 6.96 -28.83 20.63
CA ASN C 182 5.93 -27.80 20.70
C ASN C 182 5.98 -26.82 19.53
N ARG C 183 6.86 -27.03 18.55
CA ARG C 183 6.97 -26.10 17.44
C ARG C 183 5.71 -26.15 16.58
N HIS C 184 5.22 -24.97 16.20
CA HIS C 184 4.06 -24.88 15.32
C HIS C 184 4.44 -25.41 13.94
N VAL C 185 3.93 -26.59 13.59
CA VAL C 185 4.22 -27.22 12.32
C VAL C 185 2.99 -27.97 11.85
N ALA C 186 2.62 -27.77 10.58
CA ALA C 186 1.45 -28.40 9.99
C ALA C 186 1.85 -29.67 9.25
N SER C 194 6.13 -29.32 7.84
CA SER C 194 5.91 -27.97 7.32
C SER C 194 6.05 -26.93 8.42
N SER C 195 7.12 -26.14 8.37
CA SER C 195 7.36 -25.13 9.37
C SER C 195 6.55 -23.88 9.06
N ARG C 196 5.84 -23.38 10.07
CA ARG C 196 5.07 -22.14 9.98
C ARG C 196 5.53 -21.11 10.99
N SER C 197 6.80 -21.14 11.39
CA SER C 197 7.30 -20.25 12.41
C SER C 197 8.82 -20.28 12.40
N HIS C 198 9.42 -19.10 12.50
CA HIS C 198 10.85 -19.00 12.65
C HIS C 198 11.26 -19.56 14.00
N SER C 199 12.43 -20.19 14.05
CA SER C 199 12.98 -20.77 15.28
C SER C 199 14.39 -20.27 15.44
N ILE C 200 14.79 -19.96 16.68
CA ILE C 200 16.10 -19.42 16.99
C ILE C 200 16.66 -20.25 18.13
N PHE C 201 17.80 -20.88 17.89
CA PHE C 201 18.52 -21.66 18.88
C PHE C 201 19.81 -20.92 19.18
N LEU C 202 19.87 -20.29 20.35
CA LEU C 202 21.03 -19.53 20.78
C LEU C 202 21.95 -20.42 21.60
N ILE C 203 23.26 -20.32 21.33
CA ILE C 203 24.30 -21.04 22.05
C ILE C 203 25.24 -19.97 22.61
N ASN C 204 25.39 -19.95 23.94
CA ASN C 204 26.22 -18.96 24.63
C ASN C 204 27.35 -19.68 25.33
N VAL C 205 28.58 -19.37 24.92
CA VAL C 205 29.79 -20.00 25.42
C VAL C 205 30.52 -18.95 26.24
N LYS C 206 30.43 -19.04 27.56
CA LYS C 206 31.11 -18.12 28.47
C LYS C 206 32.39 -18.80 28.94
N GLN C 207 33.51 -18.36 28.38
CA GLN C 207 34.83 -18.83 28.80
C GLN C 207 35.42 -17.85 29.80
N GLU C 208 35.83 -18.38 30.95
CA GLU C 208 36.34 -17.58 32.06
C GLU C 208 37.80 -17.91 32.29
N ASN C 209 38.67 -16.93 32.09
CA ASN C 209 40.09 -17.08 32.35
C ASN C 209 40.38 -16.64 33.78
N THR C 210 40.95 -17.55 34.57
CA THR C 210 41.23 -17.27 35.98
C THR C 210 42.56 -16.53 36.16
N GLN C 211 43.58 -16.90 35.39
CA GLN C 211 44.87 -16.24 35.51
C GLN C 211 44.78 -14.78 35.10
N THR C 212 44.08 -14.50 33.99
CA THR C 212 43.93 -13.14 33.49
C THR C 212 42.67 -12.45 34.02
N GLU C 213 41.72 -13.21 34.57
CA GLU C 213 40.48 -12.71 35.15
C GLU C 213 39.55 -12.09 34.11
N GLN C 214 39.78 -12.34 32.83
CA GLN C 214 38.89 -11.85 31.78
C GLN C 214 37.88 -12.93 31.39
N LYS C 215 36.65 -12.50 31.16
CA LYS C 215 35.57 -13.35 30.68
C LYS C 215 35.25 -13.00 29.23
N LEU C 216 34.76 -14.00 28.49
CA LEU C 216 34.37 -13.79 27.10
C LEU C 216 33.14 -14.65 26.81
N SER C 217 32.04 -14.00 26.46
CA SER C 217 30.78 -14.65 26.14
C SER C 217 30.57 -14.60 24.64
N GLY C 218 30.72 -15.74 23.98
CA GLY C 218 30.46 -15.86 22.55
C GLY C 218 29.06 -16.38 22.29
N LYS C 219 28.28 -15.61 21.53
CA LYS C 219 26.90 -15.98 21.19
C LYS C 219 26.86 -16.46 19.74
N LEU C 220 26.09 -17.52 19.50
CA LEU C 220 26.01 -18.15 18.19
C LEU C 220 24.58 -18.55 17.94
N TYR C 221 24.00 -18.06 16.84
CA TYR C 221 22.59 -18.25 16.55
C TYR C 221 22.39 -19.26 15.43
N LEU C 222 21.50 -20.22 15.65
CA LEU C 222 21.02 -21.14 14.63
C LEU C 222 19.58 -20.76 14.34
N VAL C 223 19.35 -20.09 13.22
CA VAL C 223 18.02 -19.62 12.84
C VAL C 223 17.46 -20.55 11.78
N ASP C 224 16.43 -21.29 12.14
CA ASP C 224 15.66 -22.11 11.21
C ASP C 224 14.48 -21.25 10.77
N LEU C 225 14.62 -20.64 9.59
CA LEU C 225 13.57 -19.78 9.08
C LEU C 225 12.41 -20.63 8.56
N ALA C 226 11.31 -19.96 8.24
CA ALA C 226 10.13 -20.57 7.68
C ALA C 226 10.12 -20.35 6.17
N GLY C 227 9.04 -20.79 5.51
CA GLY C 227 8.96 -20.75 4.07
C GLY C 227 8.15 -19.59 3.51
N SER C 228 8.78 -18.79 2.66
CA SER C 228 8.06 -17.76 1.93
C SER C 228 7.02 -18.41 1.03
N GLU C 229 5.76 -18.03 1.22
CA GLU C 229 4.62 -18.72 0.62
C GLU C 229 3.75 -17.71 -0.11
N LYS C 230 3.73 -17.79 -1.44
CA LYS C 230 2.77 -17.03 -2.23
C LYS C 230 1.38 -17.60 -1.95
N VAL C 231 0.60 -16.90 -1.14
CA VAL C 231 -0.68 -17.41 -0.68
C VAL C 231 -1.77 -17.24 -1.74
N SER C 232 -1.47 -16.46 -2.79
CA SER C 232 -2.42 -16.33 -3.88
C SER C 232 -2.60 -17.66 -4.61
N LYS C 233 -1.54 -18.47 -4.66
CA LYS C 233 -1.59 -19.76 -5.35
C LYS C 233 -2.16 -20.84 -4.44
N THR C 234 -1.72 -20.88 -3.18
CA THR C 234 -2.07 -21.98 -2.29
C THR C 234 -3.55 -22.01 -1.95
N GLY C 235 -4.19 -20.85 -1.93
CA GLY C 235 -5.61 -20.78 -1.59
C GLY C 235 -5.88 -20.96 -0.11
N ALA C 236 -5.02 -20.43 0.75
CA ALA C 236 -5.21 -20.54 2.19
C ALA C 236 -6.25 -19.53 2.67
N GLU C 237 -6.93 -19.88 3.77
CA GLU C 237 -7.93 -19.01 4.36
C GLU C 237 -7.91 -19.22 5.87
N GLY C 238 -7.93 -18.12 6.62
CA GLY C 238 -8.00 -18.18 8.06
C GLY C 238 -6.65 -17.85 8.69
N ALA C 239 -6.30 -18.58 9.76
CA ALA C 239 -5.06 -18.30 10.49
C ALA C 239 -3.83 -18.54 9.62
N VAL C 240 -3.91 -19.49 8.69
CA VAL C 240 -2.77 -19.76 7.80
C VAL C 240 -2.43 -18.53 6.98
N LEU C 241 -3.44 -17.76 6.60
CA LEU C 241 -3.20 -16.54 5.82
C LEU C 241 -2.41 -15.53 6.63
N ASP C 242 -2.82 -15.30 7.89
CA ASP C 242 -2.10 -14.34 8.73
C ASP C 242 -0.69 -14.83 9.03
N GLU C 243 -0.52 -16.13 9.22
CA GLU C 243 0.81 -16.70 9.39
C GLU C 243 1.68 -16.40 8.18
N ALA C 244 1.13 -16.61 6.98
CA ALA C 244 1.88 -16.32 5.76
C ALA C 244 2.26 -14.86 5.68
N LYS C 245 1.32 -13.97 6.03
CA LYS C 245 1.59 -12.54 6.03
C LYS C 245 2.77 -12.20 6.92
N ASN C 246 2.70 -12.62 8.19
CA ASN C 246 3.76 -12.27 9.15
C ASN C 246 5.09 -12.90 8.77
N ILE C 247 5.06 -14.13 8.24
CA ILE C 247 6.29 -14.80 7.82
C ILE C 247 6.95 -14.02 6.69
N ASN C 248 6.16 -13.63 5.68
CA ASN C 248 6.73 -12.90 4.55
C ASN C 248 7.24 -11.53 4.99
N LYS C 249 6.56 -10.90 5.95
CA LYS C 249 7.05 -9.64 6.50
C LYS C 249 8.42 -9.82 7.13
N SER C 250 8.55 -10.81 8.00
CA SER C 250 9.82 -11.04 8.67
C SER C 250 10.92 -11.37 7.68
N LEU C 251 10.59 -12.15 6.64
CA LEU C 251 11.61 -12.53 5.66
C LEU C 251 12.07 -11.33 4.85
N SER C 252 11.15 -10.48 4.40
CA SER C 252 11.56 -9.31 3.62
C SER C 252 12.30 -8.30 4.50
N ALA C 253 11.93 -8.21 5.77
CA ALA C 253 12.67 -7.34 6.68
C ALA C 253 14.10 -7.84 6.86
N LEU C 254 14.26 -9.15 7.05
CA LEU C 254 15.58 -9.73 7.16
C LEU C 254 16.40 -9.50 5.89
N GLY C 255 15.75 -9.63 4.73
CA GLY C 255 16.44 -9.38 3.48
C GLY C 255 16.90 -7.94 3.37
N ASN C 256 16.04 -7.00 3.75
CA ASN C 256 16.41 -5.58 3.71
C ASN C 256 17.57 -5.31 4.65
N VAL C 257 17.56 -5.93 5.83
CA VAL C 257 18.65 -5.73 6.79
C VAL C 257 19.97 -6.25 6.21
N ILE C 258 19.93 -7.44 5.60
CA ILE C 258 21.17 -8.03 5.10
C ILE C 258 21.69 -7.22 3.91
N SER C 259 20.78 -6.69 3.11
CA SER C 259 21.21 -5.83 2.00
C SER C 259 21.83 -4.54 2.53
N ALA C 260 21.25 -3.98 3.59
CA ALA C 260 21.84 -2.80 4.21
C ALA C 260 23.23 -3.11 4.75
N LEU C 261 23.42 -4.31 5.30
CA LEU C 261 24.74 -4.72 5.77
C LEU C 261 25.73 -4.80 4.62
N ALA C 262 25.47 -5.68 3.66
CA ALA C 262 26.45 -5.98 2.62
C ALA C 262 26.71 -4.81 1.69
N GLU C 263 25.79 -3.85 1.59
CA GLU C 263 26.00 -2.66 0.78
C GLU C 263 26.83 -1.59 1.49
N GLY C 264 27.35 -1.88 2.67
CA GLY C 264 28.15 -0.90 3.40
C GLY C 264 27.39 0.34 3.79
N SER C 265 26.08 0.22 3.99
CA SER C 265 25.27 1.36 4.38
C SER C 265 25.68 1.86 5.76
N THR C 266 25.66 3.18 5.93
CA THR C 266 26.00 3.77 7.23
C THR C 266 25.04 3.35 8.31
N TYR C 267 23.78 3.10 7.95
CA TYR C 267 22.73 2.71 8.88
C TYR C 267 22.13 1.37 8.45
N VAL C 268 21.64 0.63 9.43
CA VAL C 268 21.08 -0.70 9.22
C VAL C 268 19.77 -0.81 10.01
N PRO C 269 18.59 -0.85 9.36
CA PRO C 269 17.35 -0.86 10.13
C PRO C 269 17.06 -2.19 10.80
N TYR C 270 17.69 -2.42 11.96
CA TYR C 270 17.48 -3.67 12.69
C TYR C 270 16.12 -3.75 13.36
N ARG C 271 15.47 -2.62 13.61
CA ARG C 271 14.32 -2.55 14.51
C ARG C 271 12.98 -2.71 13.80
N ASP C 272 12.99 -3.04 12.51
CA ASP C 272 11.73 -3.22 11.79
C ASP C 272 11.04 -4.53 12.13
N SER C 273 11.79 -5.56 12.52
CA SER C 273 11.24 -6.85 12.86
C SER C 273 11.93 -7.39 14.11
N LYS C 274 11.20 -8.17 14.89
CA LYS C 274 11.76 -8.71 16.13
C LYS C 274 12.91 -9.66 15.84
N MET C 275 12.81 -10.46 14.78
CA MET C 275 13.89 -11.38 14.44
C MET C 275 15.15 -10.65 14.03
N THR C 276 15.04 -9.41 13.54
CA THR C 276 16.18 -8.56 13.25
C THR C 276 16.56 -7.66 14.42
N ARG C 277 15.65 -7.48 15.39
CA ARG C 277 15.97 -6.78 16.62
C ARG C 277 16.82 -7.63 17.56
N ILE C 278 16.46 -8.90 17.73
CA ILE C 278 17.21 -9.79 18.60
C ILE C 278 18.63 -9.98 18.09
N LEU C 279 18.82 -9.93 16.76
CA LEU C 279 20.10 -10.17 16.13
C LEU C 279 20.84 -8.88 15.81
N GLN C 280 20.60 -7.83 16.60
CA GLN C 280 21.14 -6.52 16.30
C GLN C 280 22.66 -6.47 16.41
N ASP C 281 23.28 -7.38 17.15
CA ASP C 281 24.72 -7.38 17.38
C ASP C 281 25.45 -8.45 16.59
N SER C 282 24.84 -9.62 16.42
CA SER C 282 25.52 -10.77 15.82
C SER C 282 25.76 -10.63 14.32
N LEU C 283 25.30 -9.56 13.68
CA LEU C 283 25.45 -9.37 12.24
C LEU C 283 26.20 -8.11 11.85
N GLY C 284 26.26 -7.11 12.72
CA GLY C 284 26.71 -5.79 12.32
C GLY C 284 28.18 -5.70 11.93
N GLY C 285 29.08 -5.84 12.89
CA GLY C 285 30.49 -5.59 12.68
C GLY C 285 31.35 -6.84 12.74
N ASN C 286 32.10 -6.99 13.83
CA ASN C 286 33.02 -8.12 14.00
C ASN C 286 32.22 -9.37 14.35
N ALA C 287 31.51 -9.88 13.34
CA ALA C 287 30.68 -11.07 13.52
C ALA C 287 30.46 -11.70 12.15
N ARG C 288 31.03 -12.88 11.95
CA ARG C 288 30.82 -13.59 10.69
C ARG C 288 29.42 -14.18 10.65
N THR C 289 28.91 -14.37 9.44
CA THR C 289 27.58 -14.92 9.24
C THR C 289 27.55 -15.65 7.91
N THR C 290 26.82 -16.76 7.87
CA THR C 290 26.70 -17.59 6.68
C THR C 290 25.25 -18.02 6.52
N ILE C 291 24.71 -17.80 5.33
CA ILE C 291 23.32 -18.13 5.02
C ILE C 291 23.32 -19.41 4.19
N VAL C 292 22.65 -20.44 4.69
CA VAL C 292 22.56 -21.74 4.03
C VAL C 292 21.13 -21.91 3.55
N ILE C 293 20.96 -21.99 2.24
CA ILE C 293 19.67 -22.24 1.61
C ILE C 293 19.70 -23.62 0.97
N CYS C 294 18.69 -24.43 1.26
CA CYS C 294 18.55 -25.76 0.68
C CYS C 294 17.48 -25.70 -0.40
N CYS C 295 17.73 -26.37 -1.53
CA CYS C 295 16.79 -26.37 -2.64
C CYS C 295 16.73 -27.73 -3.31
N SER C 296 15.52 -28.10 -3.75
CA SER C 296 15.33 -29.27 -4.59
C SER C 296 15.39 -28.81 -6.05
N PRO C 297 16.38 -29.22 -6.85
CA PRO C 297 16.47 -28.71 -8.22
C PRO C 297 15.49 -29.32 -9.20
N SER C 298 14.54 -30.14 -8.74
CA SER C 298 13.55 -30.73 -9.63
C SER C 298 12.70 -29.64 -10.28
N SER C 299 12.33 -29.87 -11.55
CA SER C 299 11.50 -28.91 -12.24
C SER C 299 10.12 -28.76 -11.63
N TYR C 300 9.61 -29.84 -11.00
CA TYR C 300 8.29 -29.77 -10.38
C TYR C 300 8.26 -28.72 -9.27
N ASN C 301 9.39 -28.47 -8.63
CA ASN C 301 9.53 -27.42 -7.62
C ASN C 301 10.39 -26.28 -8.14
N GLU C 302 10.29 -25.98 -9.44
CA GLU C 302 11.10 -24.91 -10.01
C GLU C 302 10.65 -23.54 -9.51
N SER C 303 9.33 -23.26 -9.62
CA SER C 303 8.82 -21.92 -9.35
C SER C 303 9.21 -21.43 -7.98
N GLU C 304 8.78 -22.13 -6.92
CA GLU C 304 9.15 -21.76 -5.56
C GLU C 304 10.67 -21.64 -5.40
N THR C 305 11.43 -22.52 -6.07
CA THR C 305 12.87 -22.50 -5.92
C THR C 305 13.45 -21.16 -6.33
N LYS C 306 12.88 -20.55 -7.38
CA LYS C 306 13.32 -19.23 -7.81
C LYS C 306 13.29 -18.25 -6.65
N SER C 307 12.15 -18.20 -5.94
CA SER C 307 12.02 -17.31 -4.80
C SER C 307 13.11 -17.56 -3.79
N THR C 308 13.39 -18.84 -3.49
CA THR C 308 14.45 -19.17 -2.55
C THR C 308 15.78 -18.62 -3.02
N LEU C 309 16.10 -18.81 -4.31
CA LEU C 309 17.34 -18.28 -4.84
C LEU C 309 17.35 -16.76 -4.75
N LEU C 310 16.21 -16.14 -4.98
CA LEU C 310 16.16 -14.68 -4.89
C LEU C 310 16.37 -14.22 -3.46
N PHE C 311 15.95 -15.04 -2.49
CA PHE C 311 16.22 -14.69 -1.09
C PHE C 311 17.71 -14.70 -0.82
N GLY C 312 18.46 -15.50 -1.56
CA GLY C 312 19.92 -15.42 -1.48
C GLY C 312 20.47 -14.23 -2.23
N GLN C 313 19.78 -13.81 -3.30
CA GLN C 313 20.26 -12.68 -4.07
C GLN C 313 20.06 -11.37 -3.32
N ARG C 314 19.18 -11.35 -2.32
CA ARG C 314 19.06 -10.19 -1.43
C ARG C 314 19.97 -10.41 -0.22
N ALA C 315 21.23 -10.79 -0.49
CA ALA C 315 22.27 -10.82 0.53
C ALA C 315 23.48 -10.02 0.07
N LYS C 316 23.92 -10.28 -1.17
CA LYS C 316 25.15 -9.71 -1.69
C LYS C 316 24.89 -8.39 -2.40
N THR C 317 24.06 -8.41 -3.43
CA THR C 317 23.76 -7.23 -4.20
C THR C 317 22.79 -6.32 -3.46
#